data_7QZJ
#
_entry.id   7QZJ
#
_cell.length_a   62.581
_cell.length_b   63.191
_cell.length_c   211.415
_cell.angle_alpha   90.000
_cell.angle_beta   90.000
_cell.angle_gamma   90.000
#
_symmetry.space_group_name_H-M   'P 21 21 21'
#
loop_
_entity.id
_entity.type
_entity.pdbx_description
1 polymer 'Aspartate aminotransferase family protein'
2 non-polymer "4'-DEOXY-4'-AMINOPYRIDOXAL-5'-PHOSPHATE"
3 non-polymer GLYCEROL
4 non-polymer 'POTASSIUM ION'
5 water water
#
_entity_poly.entity_id   1
_entity_poly.type   'polypeptide(L)'
_entity_poly.pdbx_seq_one_letter_code
;MAHHHHHHHRSSLTNVGNDRHAAGTDTDRARERDRRHLWHPWSSVRQPADDRPILVAGEGCRVRDVTGAGYLDAMASAMN
SSCGYAHPALLEAARRQLELLPHFDLSAASHLPAGLAAERIAGLLPAGLERTFFVNSGSEATEAAVRIAHDHWTNRGEPR
DRLVTFAAGYHGTTLVAQHLSGLPTNAIHGTAPFPVTRVELPLEPAALRTPEALTLLADAFERAVLDGPPPAAVMVEPLL
NVGGGVVLPDGFLRALRALCDRTGALLIVDEVFCGFGRTGRMFGFQHDGVTPDLVTMSKGISGGYVPFAALTTTDEVYRS
FAADPLLGGLRYGHTTGGHAVACAVALAVLDVIEERGLVGSAARLGAELLAGLAPLAEHPEVTDVRGLGLVATVECRQPE
SAAALVAEAKRQGVLLRQQGRAVMAIPPLVIDAAEVAELVRAVEQAVARL
;
_entity_poly.pdbx_strand_id   A,B
#
loop_
_chem_comp.id
_chem_comp.type
_chem_comp.name
_chem_comp.formula
GOL non-polymer GLYCEROL 'C3 H8 O3'
K non-polymer 'POTASSIUM ION' 'K 1'
PMP non-polymer 4'-DEOXY-4'-AMINOPYRIDOXAL-5'-PHOSPHATE 'C8 H13 N2 O5 P'
#
# COMPACT_ATOMS: atom_id res chain seq x y z
N ASP A 26 28.27 -6.78 16.31
CA ASP A 26 26.92 -6.19 16.07
C ASP A 26 26.83 -5.37 14.78
N THR A 27 27.83 -4.55 14.50
CA THR A 27 27.85 -3.80 13.24
C THR A 27 28.15 -4.72 12.05
N ASP A 28 29.08 -5.66 12.23
CA ASP A 28 29.31 -6.75 11.26
C ASP A 28 28.02 -7.47 10.96
N ARG A 29 27.36 -7.94 12.01
CA ARG A 29 26.15 -8.71 11.89
C ARG A 29 25.04 -7.89 11.23
N ALA A 30 24.88 -6.62 11.61
CA ALA A 30 23.83 -5.79 10.97
C ALA A 30 24.08 -5.58 9.48
N ARG A 31 25.31 -5.28 9.11
CA ARG A 31 25.63 -5.12 7.69
C ARG A 31 25.42 -6.42 6.92
N GLU A 32 25.78 -7.54 7.54
CA GLU A 32 25.66 -8.84 6.91
C GLU A 32 24.20 -9.29 6.74
N ARG A 33 23.35 -9.07 7.72
CA ARG A 33 21.94 -9.49 7.56
C ARG A 33 21.27 -8.64 6.48
N ASP A 34 21.66 -7.36 6.36
CA ASP A 34 21.15 -6.52 5.28
C ASP A 34 21.62 -7.06 3.90
N ARG A 35 22.94 -7.24 3.77
CA ARG A 35 23.52 -7.80 2.53
C ARG A 35 22.89 -9.13 2.11
N ARG A 36 22.66 -10.01 3.08
CA ARG A 36 22.21 -11.37 2.78
C ARG A 36 20.68 -11.45 2.55
N HIS A 37 19.92 -10.65 3.29
CA HIS A 37 18.47 -10.88 3.36
C HIS A 37 17.55 -9.75 2.89
N LEU A 38 18.01 -8.51 2.91
CA LEU A 38 17.14 -7.38 2.64
C LEU A 38 17.23 -7.03 1.16
N TRP A 39 16.07 -6.89 0.51
CA TRP A 39 15.99 -6.44 -0.88
C TRP A 39 15.60 -4.96 -0.87
N HIS A 40 16.53 -4.10 -1.28
CA HIS A 40 16.26 -2.66 -1.26
C HIS A 40 15.44 -2.22 -2.48
N PRO A 41 14.57 -1.23 -2.30
CA PRO A 41 13.78 -0.69 -3.41
C PRO A 41 14.63 0.11 -4.38
N TRP A 42 14.23 0.14 -5.64
CA TRP A 42 14.85 1.04 -6.65
C TRP A 42 16.38 1.06 -6.58
N SER A 43 17.00 -0.12 -6.52
CA SER A 43 18.43 -0.26 -6.30
C SER A 43 19.02 -1.31 -7.22
N SER A 44 20.27 -1.12 -7.62
CA SER A 44 21.00 -2.17 -8.33
CA SER A 44 21.00 -2.17 -8.32
C SER A 44 21.35 -3.33 -7.38
N VAL A 45 21.36 -4.53 -7.93
CA VAL A 45 21.83 -5.72 -7.21
C VAL A 45 23.34 -5.64 -6.87
N ARG A 46 24.16 -5.03 -7.73
CA ARG A 46 25.60 -4.88 -7.46
C ARG A 46 25.87 -3.91 -6.31
N ASP A 50 31.02 2.17 -1.65
CA ASP A 50 30.64 2.63 -0.32
C ASP A 50 29.43 1.87 0.21
N ASP A 51 29.43 1.55 1.50
CA ASP A 51 28.23 1.02 2.16
C ASP A 51 27.20 2.11 2.32
N ARG A 52 25.92 1.74 2.29
CA ARG A 52 24.83 2.65 2.61
C ARG A 52 24.90 3.07 4.09
N PRO A 53 24.57 4.33 4.40
CA PRO A 53 24.44 4.69 5.81
C PRO A 53 23.31 3.92 6.49
N ILE A 54 23.53 3.55 7.74
CA ILE A 54 22.50 2.95 8.57
C ILE A 54 22.02 4.01 9.54
N LEU A 55 20.81 4.52 9.31
CA LEU A 55 20.24 5.51 10.17
C LEU A 55 19.50 4.88 11.33
N VAL A 56 19.70 5.45 12.54
CA VAL A 56 19.19 4.85 13.77
C VAL A 56 18.29 5.69 14.66
N ALA A 57 18.43 7.02 14.63
CA ALA A 57 17.70 7.88 15.53
C ALA A 57 17.63 9.28 14.96
N GLY A 58 16.55 9.97 15.22
CA GLY A 58 16.37 11.34 14.75
C GLY A 58 15.65 12.20 15.77
N GLU A 59 15.84 13.52 15.65
CA GLU A 59 15.16 14.48 16.50
C GLU A 59 15.03 15.78 15.70
N GLY A 60 13.81 16.31 15.58
CA GLY A 60 13.57 17.50 14.78
C GLY A 60 13.98 17.27 13.34
N CYS A 61 14.90 18.08 12.83
CA CYS A 61 15.41 17.91 11.48
C CYS A 61 16.75 17.19 11.39
N ARG A 62 17.21 16.62 12.49
CA ARG A 62 18.50 15.95 12.55
CA ARG A 62 18.48 15.93 12.45
C ARG A 62 18.32 14.44 12.62
N VAL A 63 19.21 13.70 11.96
CA VAL A 63 19.20 12.23 12.04
C VAL A 63 20.64 11.76 12.24
N ARG A 64 20.78 10.61 12.90
CA ARG A 64 22.07 10.10 13.29
C ARG A 64 22.24 8.69 12.77
N ASP A 65 23.46 8.36 12.34
CA ASP A 65 23.74 7.00 11.90
C ASP A 65 24.26 6.09 13.01
N VAL A 66 24.51 4.84 12.67
CA VAL A 66 24.89 3.83 13.66
C VAL A 66 26.25 4.09 14.33
N THR A 67 27.09 4.91 13.69
CA THR A 67 28.41 5.30 14.26
C THR A 67 28.35 6.58 15.10
N GLY A 68 27.17 7.18 15.19
CA GLY A 68 26.98 8.42 15.93
C GLY A 68 27.11 9.68 15.10
N ALA A 69 27.37 9.56 13.80
CA ALA A 69 27.46 10.72 12.91
C ALA A 69 26.10 11.35 12.69
N GLY A 70 26.02 12.67 12.90
CA GLY A 70 24.76 13.42 12.81
C GLY A 70 24.69 14.23 11.54
N TYR A 71 23.47 14.39 11.02
CA TYR A 71 23.21 15.11 9.77
C TYR A 71 21.94 15.92 9.86
N LEU A 72 21.90 17.04 9.15
CA LEU A 72 20.67 17.73 8.84
C LEU A 72 20.02 16.92 7.72
N ASP A 73 18.80 16.46 7.99
CA ASP A 73 18.09 15.63 7.03
C ASP A 73 17.27 16.50 6.09
N ALA A 74 17.91 16.93 5.01
CA ALA A 74 17.23 17.69 3.95
C ALA A 74 16.58 16.81 2.88
N MET A 75 16.26 15.56 3.21
CA MET A 75 15.31 14.81 2.42
C MET A 75 14.10 14.33 3.23
N ALA A 76 13.98 14.79 4.49
CA ALA A 76 12.80 14.53 5.34
C ALA A 76 12.46 13.04 5.39
N SER A 77 13.48 12.24 5.61
CA SER A 77 13.42 10.78 5.82
C SER A 77 13.08 9.99 4.54
N ALA A 78 11.89 10.22 4.00
CA ALA A 78 11.48 9.67 2.72
C ALA A 78 10.61 10.70 1.99
N MET A 79 11.09 11.95 2.02
N MET A 79 11.10 11.95 2.04
CA MET A 79 10.38 13.11 1.43
CA MET A 79 10.43 13.10 1.46
C MET A 79 9.00 13.31 2.03
C MET A 79 9.01 13.29 2.02
N ASN A 80 8.82 12.88 3.28
CA ASN A 80 7.50 12.85 3.91
C ASN A 80 7.43 13.23 5.39
N SER A 81 8.57 13.56 6.00
CA SER A 81 8.60 13.95 7.41
C SER A 81 8.25 15.42 7.58
N SER A 82 6.98 15.71 7.37
CA SER A 82 6.47 17.08 7.40
C SER A 82 6.72 17.74 8.76
N CYS A 83 6.60 16.98 9.85
CA CYS A 83 6.76 17.50 11.21
C CYS A 83 8.09 17.13 11.88
N GLY A 84 9.05 16.58 11.12
CA GLY A 84 10.35 16.14 11.65
C GLY A 84 10.25 14.86 12.48
N TYR A 85 11.37 14.48 13.06
CA TYR A 85 11.47 13.28 13.89
C TYR A 85 11.05 13.53 15.32
N ALA A 86 10.50 12.50 15.97
CA ALA A 86 10.14 12.52 17.39
C ALA A 86 9.31 13.72 17.79
N HIS A 87 8.35 14.07 16.94
CA HIS A 87 7.44 15.16 17.26
C HIS A 87 6.45 14.69 18.34
N PRO A 88 6.44 15.33 19.52
CA PRO A 88 5.63 14.79 20.62
C PRO A 88 4.13 14.70 20.37
N ALA A 89 3.54 15.64 19.63
CA ALA A 89 2.13 15.56 19.27
C ALA A 89 1.80 14.33 18.42
N LEU A 90 2.63 14.05 17.44
CA LEU A 90 2.41 12.89 16.56
C LEU A 90 2.62 11.60 17.38
N LEU A 91 3.66 11.57 18.21
CA LEU A 91 3.95 10.40 19.04
C LEU A 91 2.77 10.09 19.96
N GLU A 92 2.20 11.11 20.59
CA GLU A 92 1.09 10.89 21.51
C GLU A 92 -0.18 10.44 20.81
N ALA A 93 -0.47 11.03 19.64
CA ALA A 93 -1.63 10.61 18.85
C ALA A 93 -1.53 9.14 18.47
N ALA A 94 -0.34 8.73 18.02
CA ALA A 94 -0.10 7.33 17.66
C ALA A 94 -0.30 6.41 18.84
N ARG A 95 0.28 6.77 19.97
CA ARG A 95 0.20 5.95 21.18
C ARG A 95 -1.25 5.79 21.65
N ARG A 96 -1.99 6.89 21.68
CA ARG A 96 -3.39 6.85 22.17
C ARG A 96 -4.25 5.95 21.30
N GLN A 97 -4.16 6.12 19.99
CA GLN A 97 -5.02 5.34 19.12
C GLN A 97 -4.60 3.86 19.04
N LEU A 98 -3.31 3.58 19.05
CA LEU A 98 -2.83 2.18 19.00
C LEU A 98 -3.38 1.40 20.18
N GLU A 99 -3.40 2.03 21.34
CA GLU A 99 -3.91 1.42 22.55
C GLU A 99 -5.42 1.16 22.46
N LEU A 100 -6.17 2.07 21.86
CA LEU A 100 -7.61 1.94 21.77
C LEU A 100 -8.04 0.93 20.72
N LEU A 101 -7.63 1.17 19.47
CA LEU A 101 -8.16 0.43 18.34
C LEU A 101 -7.26 0.73 17.13
N PRO A 102 -6.39 -0.22 16.72
CA PRO A 102 -5.53 0.12 15.59
C PRO A 102 -6.29 0.32 14.26
N HIS A 103 -7.36 -0.44 14.07
CA HIS A 103 -8.18 -0.40 12.86
C HIS A 103 -9.38 -1.30 13.08
N PHE A 104 -10.35 -1.23 12.17
CA PHE A 104 -11.37 -2.23 12.01
C PHE A 104 -11.77 -2.15 10.54
N ASP A 105 -12.05 -3.30 9.93
CA ASP A 105 -12.50 -3.41 8.53
C ASP A 105 -13.63 -2.40 8.24
N LEU A 106 -13.38 -1.47 7.34
CA LEU A 106 -14.35 -0.43 7.02
C LEU A 106 -15.40 -0.86 5.99
N SER A 107 -15.33 -2.09 5.48
CA SER A 107 -16.32 -2.50 4.47
C SER A 107 -17.73 -2.61 5.06
N ALA A 108 -17.82 -3.19 6.25
CA ALA A 108 -19.12 -3.37 6.93
C ALA A 108 -19.15 -2.79 8.36
N ALA A 109 -18.18 -1.94 8.69
CA ALA A 109 -18.14 -1.24 9.97
C ALA A 109 -17.45 0.12 9.79
N SER A 110 -17.35 0.88 10.88
CA SER A 110 -16.62 2.13 10.83
C SER A 110 -15.89 2.40 12.12
N HIS A 111 -15.05 3.42 12.10
CA HIS A 111 -14.41 3.90 13.30
C HIS A 111 -14.34 5.40 13.27
N LEU A 112 -14.10 5.98 14.45
CA LEU A 112 -14.18 7.43 14.62
C LEU A 112 -13.06 8.20 13.93
N PRO A 113 -11.81 7.72 14.01
CA PRO A 113 -10.75 8.46 13.28
C PRO A 113 -10.95 8.54 11.76
N ALA A 114 -11.54 7.52 11.12
CA ALA A 114 -11.76 7.56 9.67
C ALA A 114 -12.75 8.67 9.32
N GLY A 115 -13.80 8.79 10.13
CA GLY A 115 -14.79 9.85 9.93
C GLY A 115 -14.19 11.23 10.10
N LEU A 116 -13.42 11.40 11.17
CA LEU A 116 -12.75 12.67 11.43
C LEU A 116 -11.77 13.06 10.36
N ALA A 117 -10.94 12.10 9.93
CA ALA A 117 -9.94 12.40 8.92
C ALA A 117 -10.61 12.70 7.57
N ALA A 118 -11.67 11.96 7.24
CA ALA A 118 -12.36 12.16 5.96
C ALA A 118 -12.94 13.59 5.91
N GLU A 119 -13.55 13.99 7.01
CA GLU A 119 -14.14 15.34 7.14
C GLU A 119 -13.08 16.44 7.08
N ARG A 120 -12.00 16.23 7.82
CA ARG A 120 -10.97 17.24 7.95
C ARG A 120 -10.23 17.45 6.62
N ILE A 121 -9.94 16.37 5.90
CA ILE A 121 -9.26 16.45 4.62
C ILE A 121 -10.15 17.15 3.59
N ALA A 122 -11.41 16.75 3.53
CA ALA A 122 -12.38 17.47 2.68
C ALA A 122 -12.41 18.97 3.02
N GLY A 123 -12.37 19.30 4.31
CA GLY A 123 -12.39 20.69 4.74
C GLY A 123 -11.26 21.56 4.24
N LEU A 124 -10.12 20.97 3.91
CA LEU A 124 -8.97 21.69 3.38
C LEU A 124 -9.05 21.90 1.88
N LEU A 125 -9.95 21.20 1.20
CA LEU A 125 -10.02 21.22 -0.24
C LEU A 125 -11.19 22.12 -0.72
N PRO A 126 -11.18 22.52 -1.99
CA PRO A 126 -12.27 23.36 -2.51
C PRO A 126 -13.67 22.76 -2.38
N ALA A 127 -14.68 23.62 -2.40
CA ALA A 127 -16.07 23.24 -2.31
C ALA A 127 -16.39 22.20 -3.37
N GLY A 128 -17.07 21.14 -2.98
CA GLY A 128 -17.45 20.08 -3.88
C GLY A 128 -16.52 18.87 -3.79
N LEU A 129 -15.29 19.07 -3.33
CA LEU A 129 -14.39 17.92 -3.05
C LEU A 129 -14.65 17.50 -1.62
N GLU A 130 -15.54 16.51 -1.47
CA GLU A 130 -16.17 16.16 -0.20
C GLU A 130 -16.04 14.69 0.23
N ARG A 131 -15.65 13.79 -0.68
CA ARG A 131 -15.76 12.33 -0.45
C ARG A 131 -14.36 11.75 -0.49
N THR A 132 -13.92 11.15 0.63
CA THR A 132 -12.52 10.71 0.78
C THR A 132 -12.42 9.19 0.98
N PHE A 133 -11.56 8.58 0.16
CA PHE A 133 -11.25 7.15 0.19
C PHE A 133 -9.82 7.01 0.71
N PHE A 134 -9.62 6.09 1.65
CA PHE A 134 -8.29 5.87 2.25
C PHE A 134 -7.61 4.60 1.76
N VAL A 135 -6.30 4.73 1.54
CA VAL A 135 -5.43 3.61 1.14
C VAL A 135 -4.10 3.75 1.88
N ASN A 136 -3.10 2.91 1.54
CA ASN A 136 -1.84 2.90 2.29
C ASN A 136 -0.76 3.74 1.65
N SER A 137 -0.70 3.80 0.32
CA SER A 137 0.41 4.42 -0.40
C SER A 137 -0.09 5.32 -1.51
N GLY A 138 0.83 6.15 -2.02
CA GLY A 138 0.51 6.99 -3.18
C GLY A 138 0.23 6.15 -4.42
N SER A 139 0.89 5.00 -4.55
CA SER A 139 0.66 4.09 -5.68
C SER A 139 -0.75 3.52 -5.64
N GLU A 140 -1.19 3.11 -4.45
CA GLU A 140 -2.57 2.63 -4.31
C GLU A 140 -3.58 3.76 -4.59
N ALA A 141 -3.25 4.99 -4.18
CA ALA A 141 -4.10 6.13 -4.47
C ALA A 141 -4.23 6.32 -5.98
N THR A 142 -3.14 6.19 -6.70
CA THR A 142 -3.18 6.21 -8.17
C THR A 142 -4.04 5.06 -8.73
N GLU A 143 -3.85 3.86 -8.21
CA GLU A 143 -4.68 2.73 -8.63
C GLU A 143 -6.18 2.98 -8.46
N ALA A 144 -6.56 3.49 -7.30
CA ALA A 144 -7.95 3.82 -7.01
C ALA A 144 -8.43 4.96 -7.91
N ALA A 145 -7.59 5.96 -8.11
CA ALA A 145 -7.98 7.12 -8.97
C ALA A 145 -8.25 6.71 -10.38
N VAL A 146 -7.40 5.87 -10.95
CA VAL A 146 -7.57 5.41 -12.33
C VAL A 146 -8.79 4.51 -12.44
N ARG A 147 -8.99 3.61 -11.50
CA ARG A 147 -10.25 2.84 -11.47
C ARG A 147 -11.46 3.76 -11.41
N ILE A 148 -11.43 4.74 -10.50
CA ILE A 148 -12.55 5.67 -10.36
C ILE A 148 -12.82 6.41 -11.67
N ALA A 149 -11.77 6.85 -12.34
CA ALA A 149 -11.95 7.58 -13.63
C ALA A 149 -12.60 6.70 -14.70
N HIS A 150 -12.08 5.50 -14.88
CA HIS A 150 -12.64 4.58 -15.88
C HIS A 150 -14.05 4.19 -15.52
N ASP A 151 -14.26 3.76 -14.28
CA ASP A 151 -15.55 3.25 -13.86
C ASP A 151 -16.63 4.34 -13.84
N HIS A 152 -16.24 5.58 -13.52
CA HIS A 152 -17.19 6.71 -13.56
C HIS A 152 -17.82 6.83 -14.94
N TRP A 153 -16.98 6.75 -15.97
CA TRP A 153 -17.48 6.85 -17.36
C TRP A 153 -18.33 5.65 -17.74
N THR A 154 -17.94 4.44 -17.32
CA THR A 154 -18.82 3.28 -17.46
C THR A 154 -20.18 3.48 -16.76
N ASN A 155 -20.16 4.01 -15.55
CA ASN A 155 -21.36 4.24 -14.77
C ASN A 155 -22.33 5.21 -15.45
N ARG A 156 -21.77 6.16 -16.18
CA ARG A 156 -22.56 7.16 -16.95
C ARG A 156 -23.04 6.68 -18.32
N GLY A 157 -22.69 5.46 -18.70
CA GLY A 157 -23.09 4.91 -20.00
C GLY A 157 -22.28 5.44 -21.18
N GLU A 158 -21.08 5.96 -20.91
CA GLU A 158 -20.21 6.48 -21.95
C GLU A 158 -18.77 6.13 -21.63
N PRO A 159 -18.39 4.86 -21.90
CA PRO A 159 -17.05 4.41 -21.51
C PRO A 159 -15.94 5.28 -22.12
N ARG A 160 -14.91 5.57 -21.33
CA ARG A 160 -13.73 6.26 -21.79
C ARG A 160 -12.51 5.58 -21.16
N ASP A 161 -11.56 5.20 -21.98
CA ASP A 161 -10.39 4.44 -21.50
C ASP A 161 -9.12 5.25 -21.40
N ARG A 162 -9.02 6.39 -22.10
CA ARG A 162 -7.73 7.05 -22.26
C ARG A 162 -7.42 8.04 -21.15
N LEU A 163 -6.17 8.07 -20.72
CA LEU A 163 -5.69 9.12 -19.80
C LEU A 163 -4.58 9.93 -20.47
N VAL A 164 -4.48 11.20 -20.10
CA VAL A 164 -3.44 12.09 -20.56
C VAL A 164 -2.60 12.49 -19.34
N THR A 165 -1.29 12.38 -19.49
CA THR A 165 -0.35 12.60 -18.39
C THR A 165 0.89 13.30 -18.90
N PHE A 166 1.81 13.65 -17.99
CA PHE A 166 3.17 14.04 -18.36
C PHE A 166 4.04 12.79 -18.56
N ALA A 167 4.81 12.75 -19.65
CA ALA A 167 5.85 11.74 -19.79
C ALA A 167 6.85 11.72 -18.62
N ALA A 168 7.18 12.88 -18.09
CA ALA A 168 8.09 13.01 -16.96
C ALA A 168 7.39 12.88 -15.61
N GLY A 169 6.08 12.59 -15.60
CA GLY A 169 5.32 12.41 -14.37
C GLY A 169 5.66 11.10 -13.69
N TYR A 170 5.47 11.07 -12.37
CA TYR A 170 5.62 9.82 -11.60
C TYR A 170 4.45 9.73 -10.67
N HIS A 171 3.77 8.58 -10.69
CA HIS A 171 2.54 8.38 -9.96
C HIS A 171 2.55 7.11 -9.11
N GLY A 172 3.72 6.51 -8.98
CA GLY A 172 3.85 5.26 -8.21
C GLY A 172 4.45 4.12 -8.99
N THR A 173 4.47 2.96 -8.30
CA THR A 173 5.32 1.85 -8.69
C THR A 173 4.58 0.58 -9.16
N THR A 174 3.25 0.58 -9.04
CA THR A 174 2.44 -0.56 -9.49
C THR A 174 2.31 -0.47 -11.02
N LEU A 175 1.80 -1.52 -11.64
CA LEU A 175 1.79 -1.55 -13.13
C LEU A 175 0.99 -0.37 -13.68
N VAL A 176 -0.19 -0.12 -13.13
CA VAL A 176 -1.01 1.00 -13.63
C VAL A 176 -0.31 2.32 -13.38
N ALA A 177 0.24 2.50 -12.18
CA ALA A 177 0.93 3.76 -11.88
C ALA A 177 2.13 4.00 -12.80
N GLN A 178 2.93 2.97 -13.03
CA GLN A 178 4.09 3.06 -13.90
C GLN A 178 3.67 3.30 -15.36
N HIS A 179 2.54 2.70 -15.77
CA HIS A 179 2.04 2.88 -17.15
C HIS A 179 1.72 4.35 -17.47
N LEU A 180 1.31 5.11 -16.47
CA LEU A 180 1.02 6.54 -16.65
C LEU A 180 2.28 7.35 -16.96
N SER A 181 3.42 6.86 -16.50
CA SER A 181 4.71 7.56 -16.66
C SER A 181 5.41 7.16 -17.94
N GLY A 182 6.24 8.07 -18.47
CA GLY A 182 7.14 7.77 -19.57
C GLY A 182 8.60 7.76 -19.16
N LEU A 183 8.89 7.83 -17.85
CA LEU A 183 10.25 7.76 -17.36
C LEU A 183 10.84 6.40 -17.69
N PRO A 184 12.09 6.35 -18.19
CA PRO A 184 12.66 5.08 -18.67
C PRO A 184 12.63 3.90 -17.69
N THR A 185 12.93 4.14 -16.41
CA THR A 185 12.93 3.05 -15.43
C THR A 185 11.52 2.58 -15.06
N ASN A 186 10.48 3.28 -15.52
CA ASN A 186 9.10 2.83 -15.28
C ASN A 186 8.48 1.97 -16.38
N ALA A 187 9.30 1.47 -17.31
CA ALA A 187 8.82 0.53 -18.30
C ALA A 187 8.08 -0.62 -17.61
N ILE A 188 6.86 -0.89 -18.06
CA ILE A 188 6.01 -1.90 -17.41
C ILE A 188 6.38 -3.31 -17.85
N HIS A 189 6.01 -4.28 -17.02
CA HIS A 189 6.25 -5.72 -17.26
C HIS A 189 5.11 -6.47 -17.95
N GLY A 190 4.16 -5.77 -18.54
CA GLY A 190 3.19 -6.46 -19.40
C GLY A 190 2.94 -5.57 -20.57
N THR A 191 1.75 -5.64 -21.13
CA THR A 191 1.33 -4.76 -22.20
C THR A 191 0.30 -3.78 -21.65
N ALA A 192 0.03 -2.74 -22.44
CA ALA A 192 -0.78 -1.62 -21.97
C ALA A 192 -2.20 -1.99 -21.58
N PRO A 193 -2.61 -1.74 -20.32
CA PRO A 193 -3.98 -2.04 -19.94
C PRO A 193 -5.04 -1.05 -20.41
N PHE A 194 -4.59 0.12 -20.86
CA PHE A 194 -5.44 1.14 -21.44
C PHE A 194 -4.54 2.15 -22.12
N PRO A 195 -5.11 2.92 -23.08
CA PRO A 195 -4.24 3.88 -23.76
C PRO A 195 -3.88 5.08 -22.88
N VAL A 196 -2.63 5.53 -22.97
CA VAL A 196 -2.21 6.77 -22.31
C VAL A 196 -1.48 7.64 -23.34
N THR A 197 -1.77 8.94 -23.32
CA THR A 197 -1.07 9.90 -24.13
C THR A 197 -0.19 10.70 -23.18
N ARG A 198 1.13 10.53 -23.31
CA ARG A 198 2.08 11.11 -22.36
C ARG A 198 2.74 12.31 -23.04
N VAL A 199 2.50 13.50 -22.49
CA VAL A 199 3.00 14.73 -23.09
C VAL A 199 4.44 14.99 -22.67
N GLU A 200 5.32 15.19 -23.65
CA GLU A 200 6.71 15.56 -23.41
C GLU A 200 6.80 17.05 -23.04
N LEU A 201 7.78 17.39 -22.22
CA LEU A 201 8.02 18.81 -21.92
C LEU A 201 8.47 19.50 -23.23
N PRO A 202 7.81 20.61 -23.58
CA PRO A 202 8.11 21.28 -24.86
C PRO A 202 9.43 22.08 -24.83
N LEU A 203 9.93 22.35 -23.63
CA LEU A 203 11.25 22.94 -23.43
C LEU A 203 11.92 22.24 -22.27
N GLU A 204 13.20 22.52 -22.07
CA GLU A 204 13.91 22.03 -20.90
C GLU A 204 13.33 22.66 -19.63
N PRO A 205 13.40 21.94 -18.48
CA PRO A 205 12.84 22.48 -17.24
C PRO A 205 13.32 23.88 -16.86
N ALA A 206 14.58 24.18 -17.13
CA ALA A 206 15.15 25.52 -16.89
C ALA A 206 14.40 26.65 -17.60
N ALA A 207 13.76 26.34 -18.73
CA ALA A 207 13.04 27.32 -19.55
C ALA A 207 11.52 27.25 -19.40
N LEU A 208 11.00 26.42 -18.50
CA LEU A 208 9.54 26.22 -18.39
C LEU A 208 8.77 27.26 -17.58
N ARG A 209 9.45 28.23 -16.95
CA ARG A 209 8.78 29.15 -16.04
C ARG A 209 8.50 30.52 -16.68
N THR A 210 8.16 30.51 -17.96
CA THR A 210 7.86 31.76 -18.71
C THR A 210 6.46 31.72 -19.28
N PRO A 211 5.92 32.89 -19.68
CA PRO A 211 4.62 32.88 -20.36
C PRO A 211 4.66 32.15 -21.71
N GLU A 212 5.81 32.17 -22.37
CA GLU A 212 5.99 31.47 -23.64
C GLU A 212 5.86 29.96 -23.39
N ALA A 213 6.42 29.50 -22.28
CA ALA A 213 6.35 28.08 -21.94
C ALA A 213 4.93 27.65 -21.58
N LEU A 214 4.15 28.54 -20.96
CA LEU A 214 2.74 28.24 -20.68
C LEU A 214 1.97 27.96 -21.98
N THR A 215 2.16 28.84 -22.96
CA THR A 215 1.51 28.65 -24.25
C THR A 215 1.90 27.31 -24.88
N LEU A 216 3.18 26.99 -24.88
CA LEU A 216 3.63 25.70 -25.43
C LEU A 216 3.03 24.51 -24.68
N LEU A 217 2.99 24.59 -23.35
CA LEU A 217 2.46 23.49 -22.52
C LEU A 217 0.98 23.30 -22.68
N ALA A 218 0.22 24.40 -22.59
CA ALA A 218 -1.23 24.36 -22.75
C ALA A 218 -1.64 23.82 -24.12
N ASP A 219 -0.95 24.27 -25.16
CA ASP A 219 -1.23 23.79 -26.52
C ASP A 219 -0.86 22.31 -26.70
N ALA A 220 0.25 21.88 -26.11
CA ALA A 220 0.64 20.46 -26.15
C ALA A 220 -0.41 19.59 -25.47
N PHE A 221 -0.91 20.03 -24.32
CA PHE A 221 -2.00 19.29 -23.66
C PHE A 221 -3.34 19.35 -24.39
N GLU A 222 -3.65 20.49 -25.01
CA GLU A 222 -4.83 20.58 -25.87
C GLU A 222 -4.78 19.56 -27.00
N ARG A 223 -3.63 19.48 -27.68
CA ARG A 223 -3.44 18.52 -28.78
C ARG A 223 -3.59 17.08 -28.27
N ALA A 224 -2.98 16.81 -27.12
CA ALA A 224 -3.08 15.46 -26.52
C ALA A 224 -4.52 15.09 -26.19
N VAL A 225 -5.24 16.01 -25.54
CA VAL A 225 -6.63 15.76 -25.17
C VAL A 225 -7.51 15.52 -26.41
N LEU A 226 -7.28 16.27 -27.50
CA LEU A 226 -8.11 16.16 -28.71
C LEU A 226 -7.65 15.06 -29.70
N ASP A 227 -6.57 14.36 -29.36
CA ASP A 227 -6.03 13.27 -30.18
C ASP A 227 -6.82 11.97 -29.95
N GLY A 228 -7.88 11.80 -30.73
CA GLY A 228 -8.74 10.64 -30.60
C GLY A 228 -9.91 10.97 -29.71
N PRO A 229 -10.71 9.95 -29.36
CA PRO A 229 -11.91 10.22 -28.56
C PRO A 229 -11.56 10.84 -27.18
N PRO A 230 -12.50 11.58 -26.57
CA PRO A 230 -12.24 12.32 -25.33
C PRO A 230 -11.69 11.43 -24.22
N PRO A 231 -10.67 11.91 -23.48
CA PRO A 231 -10.11 11.02 -22.44
C PRO A 231 -10.97 10.96 -21.17
N ALA A 232 -10.79 9.89 -20.39
CA ALA A 232 -11.46 9.75 -19.11
C ALA A 232 -11.00 10.83 -18.12
N ALA A 233 -9.71 11.14 -18.20
CA ALA A 233 -9.06 12.04 -17.25
C ALA A 233 -7.74 12.57 -17.76
N VAL A 234 -7.37 13.72 -17.22
CA VAL A 234 -6.04 14.29 -17.33
C VAL A 234 -5.50 14.24 -15.90
N MET A 235 -4.34 13.60 -15.73
CA MET A 235 -3.70 13.40 -14.41
C MET A 235 -2.30 13.98 -14.38
N VAL A 236 -2.08 14.96 -13.52
CA VAL A 236 -0.79 15.64 -13.42
C VAL A 236 -0.45 15.99 -11.98
N GLU A 237 0.85 16.08 -11.74
CA GLU A 237 1.40 16.72 -10.54
C GLU A 237 1.43 18.23 -10.78
N PRO A 238 1.31 19.03 -9.72
CA PRO A 238 1.42 20.51 -9.86
C PRO A 238 2.87 21.02 -9.96
N LEU A 239 3.79 20.18 -9.54
CA LEU A 239 5.23 20.40 -9.59
C LEU A 239 5.79 18.99 -9.73
N LEU A 240 6.61 18.71 -10.74
CA LEU A 240 7.04 17.32 -11.00
C LEU A 240 8.15 16.97 -10.03
N ASN A 241 7.93 15.94 -9.21
CA ASN A 241 8.90 15.54 -8.19
C ASN A 241 9.98 14.64 -8.79
N VAL A 242 9.67 13.36 -9.01
CA VAL A 242 10.67 12.40 -9.54
C VAL A 242 11.20 12.82 -10.92
N GLY A 243 10.37 13.49 -11.71
CA GLY A 243 10.77 14.02 -13.00
C GLY A 243 11.80 15.14 -12.98
N GLY A 244 12.12 15.64 -11.79
CA GLY A 244 13.26 16.54 -11.55
C GLY A 244 12.96 17.85 -10.85
N GLY A 245 12.01 17.87 -9.90
CA GLY A 245 11.64 19.11 -9.22
C GLY A 245 11.27 20.20 -10.22
N VAL A 246 10.49 19.83 -11.23
CA VAL A 246 10.17 20.74 -12.35
C VAL A 246 9.02 21.65 -11.94
N VAL A 247 9.29 22.96 -11.99
CA VAL A 247 8.31 23.97 -11.66
C VAL A 247 7.56 24.37 -12.94
N LEU A 248 6.24 24.37 -12.86
CA LEU A 248 5.39 24.65 -14.00
C LEU A 248 5.06 26.15 -14.01
N PRO A 249 4.75 26.70 -15.18
CA PRO A 249 4.40 28.11 -15.26
C PRO A 249 3.03 28.42 -14.69
N ASP A 250 2.86 29.59 -14.09
CA ASP A 250 1.57 30.01 -13.58
C ASP A 250 0.54 29.98 -14.70
N GLY A 251 -0.62 29.40 -14.42
CA GLY A 251 -1.70 29.26 -15.38
C GLY A 251 -1.87 27.91 -16.05
N PHE A 252 -0.88 27.02 -15.90
CA PHE A 252 -0.96 25.73 -16.58
C PHE A 252 -2.14 24.89 -16.11
N LEU A 253 -2.34 24.79 -14.79
CA LEU A 253 -3.47 24.02 -14.29
C LEU A 253 -4.79 24.70 -14.62
N ARG A 254 -4.81 26.04 -14.66
CA ARG A 254 -6.04 26.73 -15.05
C ARG A 254 -6.42 26.39 -16.50
N ALA A 255 -5.42 26.33 -17.36
CA ALA A 255 -5.60 25.91 -18.76
C ALA A 255 -6.14 24.46 -18.83
N LEU A 256 -5.60 23.56 -18.01
CA LEU A 256 -6.13 22.21 -17.93
C LEU A 256 -7.58 22.15 -17.43
N ARG A 257 -7.93 22.98 -16.45
CA ARG A 257 -9.29 23.03 -15.93
C ARG A 257 -10.26 23.36 -17.07
N ALA A 258 -9.90 24.36 -17.89
CA ALA A 258 -10.70 24.73 -19.06
C ALA A 258 -10.84 23.59 -20.08
N LEU A 259 -9.73 22.93 -20.40
CA LEU A 259 -9.73 21.78 -21.32
C LEU A 259 -10.60 20.63 -20.83
N CYS A 260 -10.51 20.36 -19.54
CA CYS A 260 -11.33 19.31 -18.93
C CYS A 260 -12.83 19.66 -18.97
N ASP A 261 -13.18 20.92 -18.75
CA ASP A 261 -14.59 21.35 -18.86
C ASP A 261 -15.13 21.13 -20.28
N ARG A 262 -14.34 21.52 -21.27
CA ARG A 262 -14.75 21.37 -22.68
C ARG A 262 -14.95 19.90 -23.06
N THR A 263 -14.03 19.04 -22.65
CA THR A 263 -14.03 17.64 -23.10
C THR A 263 -14.77 16.67 -22.18
N GLY A 264 -15.09 17.13 -20.98
CA GLY A 264 -15.66 16.28 -19.95
C GLY A 264 -14.63 15.51 -19.12
N ALA A 265 -13.36 15.50 -19.54
CA ALA A 265 -12.32 14.71 -18.82
C ALA A 265 -12.24 15.14 -17.36
N LEU A 266 -12.05 14.20 -16.43
CA LEU A 266 -11.83 14.56 -15.04
C LEU A 266 -10.42 15.13 -14.86
N LEU A 267 -10.30 16.23 -14.11
CA LEU A 267 -9.00 16.80 -13.78
C LEU A 267 -8.57 16.16 -12.45
N ILE A 268 -7.53 15.33 -12.55
CA ILE A 268 -6.95 14.65 -11.40
C ILE A 268 -5.61 15.31 -11.10
N VAL A 269 -5.46 15.86 -9.89
CA VAL A 269 -4.18 16.37 -9.49
C VAL A 269 -3.54 15.46 -8.42
N ASP A 270 -2.33 15.01 -8.71
CA ASP A 270 -1.51 14.17 -7.83
C ASP A 270 -0.76 15.09 -6.87
N GLU A 271 -1.27 15.16 -5.63
CA GLU A 271 -0.65 15.92 -4.52
C GLU A 271 0.12 15.00 -3.54
N VAL A 272 0.47 13.80 -3.99
CA VAL A 272 1.22 12.86 -3.13
C VAL A 272 2.50 13.50 -2.54
N PHE A 273 3.26 14.23 -3.37
CA PHE A 273 4.48 14.90 -2.92
C PHE A 273 4.18 16.33 -2.43
N CYS A 274 3.36 17.08 -3.16
CA CYS A 274 3.18 18.52 -2.84
C CYS A 274 2.23 18.81 -1.71
N GLY A 275 1.41 17.84 -1.32
CA GLY A 275 0.39 18.07 -0.34
C GLY A 275 0.89 18.42 1.04
N PHE A 276 0.07 19.19 1.74
CA PHE A 276 0.24 19.50 3.17
C PHE A 276 1.46 20.38 3.44
N GLY A 277 1.60 21.44 2.62
CA GLY A 277 2.55 22.52 2.91
C GLY A 277 3.88 22.51 2.19
N ARG A 278 4.23 21.42 1.51
CA ARG A 278 5.53 21.24 0.89
C ARG A 278 5.97 22.42 0.04
N THR A 279 5.03 22.99 -0.74
CA THR A 279 5.37 24.05 -1.70
C THR A 279 5.00 25.43 -1.22
N GLY A 280 4.71 25.59 0.07
CA GLY A 280 4.34 26.91 0.61
C GLY A 280 2.87 27.26 0.46
N ARG A 281 2.06 26.31 0.00
CA ARG A 281 0.60 26.38 0.12
CA ARG A 281 0.60 26.37 0.11
C ARG A 281 0.16 25.03 0.66
N MET A 282 -1.08 24.94 1.13
CA MET A 282 -1.54 23.65 1.66
C MET A 282 -1.43 22.55 0.58
N PHE A 283 -1.76 22.90 -0.67
CA PHE A 283 -1.62 21.99 -1.83
C PHE A 283 -0.93 22.68 -2.99
N GLY A 284 -0.14 21.95 -3.74
CA GLY A 284 0.52 22.47 -4.95
C GLY A 284 -0.43 23.16 -5.91
N PHE A 285 -1.61 22.61 -6.10
CA PHE A 285 -2.59 23.17 -7.06
C PHE A 285 -3.09 24.56 -6.64
N GLN A 286 -2.94 24.93 -5.38
CA GLN A 286 -3.43 26.22 -4.90
C GLN A 286 -2.64 27.40 -5.44
N HIS A 287 -1.40 27.19 -5.90
CA HIS A 287 -0.63 28.28 -6.53
C HIS A 287 -1.40 28.81 -7.76
N ASP A 288 -1.87 27.91 -8.62
CA ASP A 288 -2.75 28.32 -9.75
C ASP A 288 -4.15 28.71 -9.36
N GLY A 289 -4.64 28.16 -8.25
CA GLY A 289 -5.97 28.44 -7.76
C GLY A 289 -7.09 27.71 -8.49
N VAL A 290 -6.86 26.44 -8.83
CA VAL A 290 -7.87 25.62 -9.52
C VAL A 290 -8.64 24.70 -8.57
N THR A 291 -9.78 24.20 -9.03
CA THR A 291 -10.54 23.17 -8.32
C THR A 291 -10.48 21.90 -9.16
N PRO A 292 -9.68 20.89 -8.73
CA PRO A 292 -9.67 19.60 -9.44
C PRO A 292 -10.96 18.82 -9.20
N ASP A 293 -11.15 17.75 -9.98
CA ASP A 293 -12.23 16.80 -9.76
C ASP A 293 -11.85 15.66 -8.80
N LEU A 294 -10.56 15.40 -8.70
CA LEU A 294 -10.04 14.35 -7.82
C LEU A 294 -8.63 14.70 -7.44
N VAL A 295 -8.30 14.53 -6.15
CA VAL A 295 -6.98 14.81 -5.61
C VAL A 295 -6.44 13.58 -4.89
N THR A 296 -5.23 13.17 -5.21
CA THR A 296 -4.51 12.12 -4.44
C THR A 296 -3.48 12.72 -3.48
N MET A 297 -3.25 12.05 -2.34
CA MET A 297 -2.44 12.57 -1.24
C MET A 297 -1.75 11.40 -0.52
N SER A 298 -0.56 11.66 -0.01
CA SER A 298 0.17 10.69 0.84
C SER A 298 1.31 11.48 1.50
N LYS A 299 2.48 10.87 1.69
CA LYS A 299 3.67 11.51 2.26
C LYS A 299 3.44 12.33 3.54
N GLY A 300 3.50 13.67 3.46
CA GLY A 300 3.41 14.55 4.62
C GLY A 300 2.15 14.46 5.47
N ILE A 301 1.08 13.92 4.90
CA ILE A 301 -0.22 13.74 5.57
C ILE A 301 -0.10 13.05 6.93
N SER A 302 0.77 12.04 7.04
CA SER A 302 0.95 11.38 8.33
C SER A 302 2.34 11.62 8.91
N GLY A 303 3.08 12.58 8.36
CA GLY A 303 4.45 12.84 8.78
C GLY A 303 5.42 11.70 8.53
N GLY A 304 5.01 10.72 7.72
CA GLY A 304 5.74 9.48 7.57
C GLY A 304 5.64 8.52 8.74
N TYR A 305 4.86 8.82 9.78
CA TYR A 305 4.93 7.99 11.01
C TYR A 305 4.12 6.71 10.91
N VAL A 306 3.10 6.70 10.06
CA VAL A 306 2.33 5.50 9.70
C VAL A 306 2.05 5.58 8.20
N PRO A 307 2.25 4.47 7.46
CA PRO A 307 1.83 4.48 6.05
C PRO A 307 0.38 4.92 5.87
N PHE A 308 0.14 5.90 5.00
CA PHE A 308 -1.18 6.48 4.85
C PHE A 308 -1.28 7.24 3.54
N ALA A 309 -2.44 7.15 2.90
CA ALA A 309 -2.69 7.87 1.67
C ALA A 309 -4.19 8.04 1.52
N ALA A 310 -4.59 8.98 0.66
CA ALA A 310 -6.01 9.25 0.50
C ALA A 310 -6.29 9.84 -0.87
N LEU A 311 -7.56 9.78 -1.26
CA LEU A 311 -8.00 10.56 -2.38
C LEU A 311 -9.36 11.14 -2.06
N THR A 312 -9.64 12.31 -2.63
CA THR A 312 -10.90 12.99 -2.40
C THR A 312 -11.50 13.38 -3.77
N THR A 313 -12.80 13.19 -3.90
CA THR A 313 -13.52 13.52 -5.14
C THR A 313 -14.91 14.08 -4.83
N THR A 314 -15.70 14.27 -5.88
CA THR A 314 -17.02 14.90 -5.78
C THR A 314 -18.15 13.93 -5.51
N ASP A 315 -19.29 14.46 -5.04
CA ASP A 315 -20.48 13.64 -4.81
C ASP A 315 -21.00 13.04 -6.11
N GLU A 316 -20.86 13.75 -7.23
CA GLU A 316 -21.33 13.22 -8.51
C GLU A 316 -20.56 11.95 -8.88
N VAL A 317 -19.24 12.01 -8.74
CA VAL A 317 -18.41 10.83 -9.02
C VAL A 317 -18.78 9.67 -8.09
N TYR A 318 -18.86 9.96 -6.80
CA TYR A 318 -19.27 9.00 -5.78
C TYR A 318 -20.59 8.33 -6.10
N ARG A 319 -21.64 9.14 -6.30
CA ARG A 319 -22.99 8.59 -6.46
C ARG A 319 -23.16 7.79 -7.74
N SER A 320 -22.35 8.08 -8.76
CA SER A 320 -22.37 7.36 -10.04
C SER A 320 -22.14 5.86 -9.85
N PHE A 321 -21.43 5.50 -8.78
CA PHE A 321 -21.17 4.10 -8.48
C PHE A 321 -22.38 3.28 -8.10
N ALA A 322 -23.52 3.92 -7.77
CA ALA A 322 -24.76 3.18 -7.62
C ALA A 322 -25.14 2.42 -8.92
N ALA A 323 -24.63 2.85 -10.08
CA ALA A 323 -24.84 2.17 -11.37
C ALA A 323 -23.91 0.97 -11.64
N ASP A 324 -22.88 0.77 -10.80
CA ASP A 324 -22.01 -0.41 -10.95
C ASP A 324 -22.86 -1.67 -10.86
N PRO A 325 -22.88 -2.50 -11.91
CA PRO A 325 -23.82 -3.64 -11.91
C PRO A 325 -23.43 -4.81 -10.99
N LEU A 326 -22.15 -4.91 -10.68
CA LEU A 326 -21.60 -6.05 -9.96
C LEU A 326 -21.68 -5.85 -8.46
N LEU A 327 -21.58 -4.59 -7.98
CA LEU A 327 -21.64 -4.26 -6.56
C LEU A 327 -22.58 -3.10 -6.17
N GLY A 328 -22.82 -2.15 -7.08
CA GLY A 328 -23.53 -0.92 -6.71
C GLY A 328 -22.64 0.04 -5.94
N GLY A 329 -21.32 -0.16 -6.06
CA GLY A 329 -20.33 0.70 -5.44
C GLY A 329 -18.96 0.47 -6.07
N LEU A 330 -17.95 1.17 -5.56
CA LEU A 330 -16.59 1.06 -6.06
C LEU A 330 -15.95 -0.26 -5.65
N ARG A 331 -15.51 -1.02 -6.66
CA ARG A 331 -14.91 -2.35 -6.46
C ARG A 331 -13.43 -2.20 -6.19
N TYR A 332 -13.15 -1.63 -5.02
CA TYR A 332 -11.77 -1.34 -4.63
C TYR A 332 -11.69 -1.31 -3.09
N GLY A 333 -10.57 -1.75 -2.53
CA GLY A 333 -10.28 -1.54 -1.12
C GLY A 333 -9.20 -2.47 -0.58
N HIS A 334 -8.48 -1.94 0.40
CA HIS A 334 -7.35 -2.62 1.09
C HIS A 334 -7.73 -2.93 2.52
N THR A 335 -7.19 -4.03 3.03
CA THR A 335 -7.36 -4.49 4.40
C THR A 335 -7.13 -3.42 5.45
N THR A 336 -6.02 -2.69 5.30
CA THR A 336 -5.68 -1.59 6.22
C THR A 336 -5.97 -0.20 5.66
N GLY A 337 -6.76 -0.07 4.59
CA GLY A 337 -7.15 1.25 4.12
C GLY A 337 -8.08 1.91 5.13
N GLY A 338 -7.70 3.11 5.55
CA GLY A 338 -8.40 3.82 6.62
C GLY A 338 -7.91 3.45 8.01
N HIS A 339 -6.70 2.89 8.11
CA HIS A 339 -6.08 2.50 9.39
C HIS A 339 -6.29 3.58 10.46
N ALA A 340 -6.83 3.22 11.62
CA ALA A 340 -7.19 4.24 12.61
C ALA A 340 -6.01 5.00 13.18
N VAL A 341 -4.88 4.33 13.38
CA VAL A 341 -3.71 5.00 13.91
C VAL A 341 -3.19 6.00 12.88
N ALA A 342 -3.20 5.59 11.61
CA ALA A 342 -2.78 6.52 10.54
C ALA A 342 -3.70 7.74 10.53
N CYS A 343 -5.00 7.52 10.63
CA CYS A 343 -5.97 8.64 10.64
C CYS A 343 -5.72 9.57 11.83
N ALA A 344 -5.53 9.00 13.03
CA ALA A 344 -5.25 9.79 14.26
C ALA A 344 -3.97 10.59 14.14
N VAL A 345 -2.93 9.99 13.57
CA VAL A 345 -1.68 10.72 13.32
C VAL A 345 -1.85 11.86 12.32
N ALA A 346 -2.59 11.60 11.23
CA ALA A 346 -2.85 12.64 10.24
C ALA A 346 -3.57 13.84 10.85
N LEU A 347 -4.52 13.58 11.73
CA LEU A 347 -5.23 14.67 12.43
C LEU A 347 -4.27 15.49 13.27
N ALA A 348 -3.33 14.81 13.92
CA ALA A 348 -2.30 15.51 14.71
C ALA A 348 -1.35 16.34 13.83
N VAL A 349 -0.97 15.78 12.68
CA VAL A 349 -0.15 16.51 11.70
C VAL A 349 -0.84 17.82 11.29
N LEU A 350 -2.12 17.72 10.97
CA LEU A 350 -2.88 18.90 10.53
C LEU A 350 -2.94 19.94 11.64
N ASP A 351 -3.09 19.47 12.88
CA ASP A 351 -3.09 20.38 14.03
C ASP A 351 -1.76 21.10 14.19
N VAL A 352 -0.65 20.37 14.05
CA VAL A 352 0.68 20.97 14.12
C VAL A 352 0.88 22.01 13.00
N ILE A 353 0.47 21.67 11.78
CA ILE A 353 0.65 22.57 10.63
C ILE A 353 -0.08 23.88 10.92
N GLU A 354 -1.30 23.76 11.42
CA GLU A 354 -2.14 24.93 11.68
C GLU A 354 -1.67 25.76 12.87
N GLU A 355 -1.32 25.10 13.97
CA GLU A 355 -0.88 25.79 15.18
C GLU A 355 0.43 26.53 14.99
N ARG A 356 1.35 25.93 14.25
CA ARG A 356 2.67 26.51 14.05
C ARG A 356 2.79 27.39 12.80
N GLY A 357 1.81 27.35 11.90
CA GLY A 357 1.88 28.11 10.65
C GLY A 357 2.94 27.58 9.73
N LEU A 358 3.01 26.26 9.61
CA LEU A 358 4.07 25.68 8.80
C LEU A 358 3.92 25.94 7.29
N VAL A 359 2.71 26.18 6.81
CA VAL A 359 2.53 26.49 5.38
C VAL A 359 3.22 27.83 5.04
N GLY A 360 2.94 28.84 5.86
CA GLY A 360 3.55 30.16 5.69
C GLY A 360 5.05 30.17 5.90
N SER A 361 5.50 29.42 6.91
CA SER A 361 6.93 29.23 7.14
C SER A 361 7.62 28.60 5.94
N ALA A 362 6.98 27.57 5.37
CA ALA A 362 7.50 26.94 4.17
C ALA A 362 7.64 27.90 3.01
N ALA A 363 6.67 28.80 2.86
CA ALA A 363 6.74 29.80 1.80
C ALA A 363 7.89 30.77 2.04
N ARG A 364 8.02 31.23 3.28
CA ARG A 364 9.00 32.29 3.59
C ARG A 364 10.42 31.76 3.66
N LEU A 365 10.61 30.69 4.43
CA LEU A 365 11.91 30.01 4.46
C LEU A 365 12.29 29.40 3.13
N GLY A 366 11.29 28.93 2.38
CA GLY A 366 11.48 28.44 1.02
C GLY A 366 12.04 29.48 0.06
N ALA A 367 11.53 30.70 0.17
CA ALA A 367 12.06 31.80 -0.60
C ALA A 367 13.52 32.11 -0.26
N GLU A 368 13.83 32.06 1.02
CA GLU A 368 15.21 32.21 1.49
C GLU A 368 16.10 31.10 0.96
N LEU A 369 15.61 29.86 1.05
CA LEU A 369 16.36 28.73 0.53
C LEU A 369 16.67 28.87 -0.95
N LEU A 370 15.66 29.16 -1.77
CA LEU A 370 15.86 29.28 -3.19
C LEU A 370 16.79 30.45 -3.53
N ALA A 371 16.63 31.56 -2.85
CA ALA A 371 17.52 32.72 -3.06
C ALA A 371 18.96 32.42 -2.72
N GLY A 372 19.18 31.65 -1.65
CA GLY A 372 20.51 31.21 -1.26
C GLY A 372 21.17 30.37 -2.33
N LEU A 373 20.42 29.45 -2.93
CA LEU A 373 20.96 28.54 -3.93
C LEU A 373 21.08 29.11 -5.34
N ALA A 374 20.22 30.07 -5.70
CA ALA A 374 20.12 30.57 -7.09
C ALA A 374 21.45 30.99 -7.74
N PRO A 375 22.32 31.69 -7.00
CA PRO A 375 23.61 32.07 -7.63
C PRO A 375 24.48 30.91 -8.10
N LEU A 376 24.25 29.70 -7.59
CA LEU A 376 25.01 28.54 -8.00
C LEU A 376 24.75 28.15 -9.46
N ALA A 377 23.70 28.66 -10.08
CA ALA A 377 23.47 28.46 -11.52
C ALA A 377 24.57 29.07 -12.40
N GLU A 378 25.32 30.04 -11.86
CA GLU A 378 26.51 30.56 -12.55
C GLU A 378 27.61 29.51 -12.77
N HIS A 379 27.67 28.50 -11.90
CA HIS A 379 28.67 27.43 -12.03
C HIS A 379 28.46 26.66 -13.35
N PRO A 380 29.55 26.34 -14.09
CA PRO A 380 29.39 25.68 -15.42
C PRO A 380 28.67 24.32 -15.43
N GLU A 381 28.94 23.48 -14.43
CA GLU A 381 28.22 22.21 -14.23
C GLU A 381 26.79 22.31 -13.66
N VAL A 382 26.33 23.50 -13.25
CA VAL A 382 24.93 23.65 -12.78
C VAL A 382 24.06 24.28 -13.87
N THR A 383 23.07 23.51 -14.34
CA THR A 383 22.18 23.94 -15.40
C THR A 383 21.06 24.87 -14.91
N ASP A 384 20.53 24.65 -13.70
CA ASP A 384 19.38 25.40 -13.21
C ASP A 384 19.25 25.23 -11.70
N VAL A 385 18.64 26.21 -11.06
CA VAL A 385 18.23 26.15 -9.67
C VAL A 385 16.77 26.58 -9.65
N ARG A 386 15.89 25.76 -9.07
CA ARG A 386 14.46 26.00 -9.16
C ARG A 386 13.75 25.40 -7.98
N GLY A 387 12.60 25.98 -7.64
CA GLY A 387 11.81 25.47 -6.53
C GLY A 387 10.62 26.29 -6.17
N LEU A 388 9.87 25.78 -5.20
CA LEU A 388 8.68 26.44 -4.69
C LEU A 388 8.52 25.96 -3.26
N GLY A 389 8.37 26.88 -2.30
CA GLY A 389 8.36 26.49 -0.89
C GLY A 389 9.59 25.71 -0.47
N LEU A 390 9.37 24.62 0.26
CA LEU A 390 10.47 23.77 0.71
C LEU A 390 10.72 22.53 -0.18
N VAL A 391 10.59 22.72 -1.48
CA VAL A 391 11.31 21.91 -2.43
C VAL A 391 12.18 22.81 -3.29
N ALA A 392 13.48 22.49 -3.31
CA ALA A 392 14.45 23.20 -4.15
C ALA A 392 15.40 22.21 -4.83
N THR A 393 15.69 22.46 -6.09
CA THR A 393 16.47 21.55 -6.92
C THR A 393 17.64 22.29 -7.56
N VAL A 394 18.82 21.68 -7.46
CA VAL A 394 19.99 22.05 -8.24
C VAL A 394 20.15 21.00 -9.32
N GLU A 395 19.93 21.44 -10.57
CA GLU A 395 20.02 20.56 -11.71
C GLU A 395 21.44 20.65 -12.24
N CYS A 396 22.16 19.52 -12.20
CA CYS A 396 23.51 19.44 -12.75
C CYS A 396 23.49 18.98 -14.21
N ARG A 397 24.59 19.19 -14.89
CA ARG A 397 24.71 18.86 -16.32
C ARG A 397 24.72 17.34 -16.55
N GLN A 398 25.30 16.59 -15.61
CA GLN A 398 25.38 15.12 -15.67
C GLN A 398 25.01 14.49 -14.32
N PRO A 399 24.48 13.24 -14.32
CA PRO A 399 24.23 12.53 -13.05
C PRO A 399 25.46 12.38 -12.15
N GLU A 400 26.63 12.28 -12.77
CA GLU A 400 27.91 12.13 -12.06
C GLU A 400 28.17 13.33 -11.18
N SER A 401 27.93 14.53 -11.71
CA SER A 401 28.02 15.76 -10.92
C SER A 401 27.02 15.77 -9.77
N ALA A 402 25.79 15.38 -10.06
CA ALA A 402 24.75 15.33 -9.03
C ALA A 402 25.18 14.40 -7.87
N ALA A 403 25.68 13.21 -8.21
CA ALA A 403 26.17 12.28 -7.19
C ALA A 403 27.32 12.86 -6.35
N ALA A 404 28.23 13.59 -7.01
CA ALA A 404 29.36 14.20 -6.29
C ALA A 404 28.91 15.34 -5.37
N LEU A 405 27.93 16.10 -5.84
CA LEU A 405 27.30 17.14 -5.03
C LEU A 405 26.68 16.52 -3.78
N VAL A 406 25.86 15.49 -3.96
CA VAL A 406 25.22 14.82 -2.84
C VAL A 406 26.28 14.25 -1.87
N ALA A 407 27.34 13.63 -2.39
CA ALA A 407 28.41 13.11 -1.53
C ALA A 407 29.13 14.18 -0.70
N GLU A 408 29.46 15.31 -1.33
CA GLU A 408 30.12 16.38 -0.60
C GLU A 408 29.19 17.02 0.44
N ALA A 409 27.90 17.19 0.11
CA ALA A 409 26.96 17.76 1.09
C ALA A 409 26.89 16.86 2.31
N LYS A 410 26.86 15.54 2.08
CA LYS A 410 26.90 14.57 3.16
C LYS A 410 28.16 14.75 4.03
N ARG A 411 29.31 14.97 3.40
CA ARG A 411 30.56 15.26 4.12
C ARG A 411 30.46 16.54 4.95
N GLN A 412 29.76 17.53 4.40
CA GLN A 412 29.44 18.77 5.13
C GLN A 412 28.37 18.63 6.22
N GLY A 413 27.72 17.47 6.32
CA GLY A 413 26.72 17.21 7.37
C GLY A 413 25.25 17.34 6.97
N VAL A 414 24.96 17.26 5.68
CA VAL A 414 23.59 17.48 5.16
C VAL A 414 23.21 16.38 4.18
N LEU A 415 22.06 15.73 4.41
CA LEU A 415 21.56 14.70 3.49
C LEU A 415 20.60 15.29 2.46
N LEU A 416 20.91 15.06 1.19
CA LEU A 416 20.10 15.51 0.07
C LEU A 416 19.68 14.30 -0.76
N ARG A 417 18.68 14.50 -1.60
CA ARG A 417 18.09 13.46 -2.45
C ARG A 417 18.58 13.64 -3.88
N GLN A 418 19.20 12.61 -4.44
CA GLN A 418 19.58 12.62 -5.85
C GLN A 418 18.45 12.05 -6.67
N GLN A 419 18.18 12.71 -7.79
CA GLN A 419 17.19 12.23 -8.75
C GLN A 419 17.74 12.42 -10.15
N GLY A 420 18.56 11.46 -10.59
CA GLY A 420 19.27 11.54 -11.85
C GLY A 420 20.25 12.70 -11.84
N ARG A 421 20.00 13.69 -12.71
CA ARG A 421 20.80 14.92 -12.79
C ARG A 421 20.43 15.96 -11.73
N ALA A 422 19.28 15.79 -11.09
CA ALA A 422 18.76 16.75 -10.13
C ALA A 422 19.15 16.37 -8.70
N VAL A 423 19.54 17.38 -7.93
CA VAL A 423 19.78 17.22 -6.49
C VAL A 423 18.73 18.05 -5.79
N MET A 424 17.98 17.42 -4.87
CA MET A 424 16.80 18.02 -4.29
C MET A 424 16.96 18.16 -2.78
N ALA A 425 16.60 19.35 -2.31
CA ALA A 425 16.50 19.66 -0.90
C ALA A 425 15.02 19.70 -0.53
N ILE A 426 14.61 18.78 0.34
CA ILE A 426 13.24 18.56 0.74
C ILE A 426 13.24 18.39 2.28
N PRO A 427 13.40 19.47 3.04
CA PRO A 427 13.51 19.33 4.49
C PRO A 427 12.16 19.20 5.20
N PRO A 428 12.16 18.79 6.48
CA PRO A 428 10.93 18.85 7.24
C PRO A 428 10.37 20.28 7.26
N LEU A 429 9.06 20.42 7.34
CA LEU A 429 8.46 21.78 7.34
C LEU A 429 8.74 22.54 8.62
N VAL A 430 9.19 21.82 9.67
CA VAL A 430 9.60 22.43 10.93
C VAL A 430 11.03 23.00 10.92
N ILE A 431 11.73 22.94 9.79
CA ILE A 431 13.08 23.53 9.63
C ILE A 431 13.05 25.01 10.00
N ASP A 432 14.12 25.44 10.68
CA ASP A 432 14.25 26.85 11.07
C ASP A 432 15.25 27.62 10.21
N ALA A 433 15.31 28.93 10.44
CA ALA A 433 16.15 29.79 9.62
C ALA A 433 17.63 29.41 9.65
N ALA A 434 18.14 29.06 10.83
CA ALA A 434 19.53 28.68 10.98
C ALA A 434 19.84 27.41 10.21
N GLU A 435 18.91 26.45 10.26
CA GLU A 435 19.08 25.20 9.53
C GLU A 435 18.99 25.40 8.02
N VAL A 436 18.14 26.31 7.55
CA VAL A 436 18.14 26.68 6.14
C VAL A 436 19.50 27.25 5.70
N ALA A 437 20.08 28.14 6.51
CA ALA A 437 21.38 28.69 6.21
C ALA A 437 22.47 27.61 6.17
N GLU A 438 22.37 26.64 7.07
CA GLU A 438 23.29 25.52 7.11
C GLU A 438 23.16 24.69 5.85
N LEU A 439 21.92 24.43 5.46
CA LEU A 439 21.62 23.72 4.20
C LEU A 439 22.23 24.43 3.00
N VAL A 440 22.01 25.73 2.90
CA VAL A 440 22.58 26.50 1.78
C VAL A 440 24.12 26.43 1.76
N ARG A 441 24.73 26.59 2.93
CA ARG A 441 26.19 26.57 3.04
C ARG A 441 26.73 25.23 2.54
N ALA A 442 26.09 24.14 2.97
CA ALA A 442 26.54 22.82 2.56
C ALA A 442 26.48 22.63 1.05
N VAL A 443 25.41 23.10 0.41
CA VAL A 443 25.28 23.01 -1.02
C VAL A 443 26.30 23.93 -1.74
N GLU A 444 26.52 25.14 -1.20
CA GLU A 444 27.60 26.01 -1.74
C GLU A 444 28.98 25.33 -1.67
N GLN A 445 29.30 24.74 -0.53
CA GLN A 445 30.57 24.02 -0.35
C GLN A 445 30.69 22.85 -1.33
N ALA A 446 29.58 22.16 -1.58
CA ALA A 446 29.57 21.04 -2.53
C ALA A 446 29.78 21.49 -3.96
N VAL A 447 29.09 22.56 -4.38
CA VAL A 447 29.20 23.05 -5.75
C VAL A 447 30.61 23.59 -6.05
N ALA A 448 31.25 24.21 -5.05
CA ALA A 448 32.63 24.71 -5.18
C ALA A 448 33.60 23.58 -5.56
N ARG A 449 33.36 22.38 -5.02
CA ARG A 449 34.21 21.21 -5.29
C ARG A 449 33.85 20.42 -6.56
N LEU A 450 32.86 20.87 -7.34
CA LEU A 450 32.51 20.19 -8.60
C LEU A 450 33.53 20.46 -9.72
N THR B 25 -25.78 12.74 20.69
CA THR B 25 -25.44 13.86 19.74
C THR B 25 -24.00 13.75 19.18
N ASP B 26 -23.04 13.31 20.00
CA ASP B 26 -21.68 12.95 19.51
C ASP B 26 -21.77 11.83 18.49
N THR B 27 -22.52 10.79 18.83
CA THR B 27 -22.72 9.63 17.95
C THR B 27 -23.46 10.01 16.67
N ASP B 28 -24.47 10.88 16.79
CA ASP B 28 -25.15 11.40 15.61
C ASP B 28 -24.20 12.19 14.71
N ARG B 29 -23.37 13.01 15.32
CA ARG B 29 -22.38 13.81 14.56
C ARG B 29 -21.40 12.85 13.86
N ALA B 30 -21.02 11.79 14.56
CA ALA B 30 -20.10 10.79 14.01
C ALA B 30 -20.69 10.07 12.81
N ARG B 31 -21.93 9.61 12.95
CA ARG B 31 -22.61 8.93 11.84
C ARG B 31 -22.80 9.86 10.67
N GLU B 32 -23.14 11.13 10.94
CA GLU B 32 -23.34 12.11 9.87
C GLU B 32 -22.05 12.44 9.13
N ARG B 33 -20.91 12.57 9.83
CA ARG B 33 -19.68 12.91 9.13
C ARG B 33 -19.21 11.72 8.28
N ASP B 34 -19.48 10.51 8.76
CA ASP B 34 -19.16 9.29 8.01
C ASP B 34 -20.01 9.28 6.72
N ARG B 35 -21.31 9.43 6.90
CA ARG B 35 -22.26 9.42 5.77
CA ARG B 35 -22.26 9.41 5.78
C ARG B 35 -21.90 10.46 4.72
N ARG B 36 -21.46 11.63 5.18
CA ARG B 36 -21.16 12.72 4.30
C ARG B 36 -19.80 12.66 3.62
N HIS B 37 -18.77 12.16 4.31
CA HIS B 37 -17.40 12.33 3.83
C HIS B 37 -16.61 11.07 3.61
N LEU B 38 -16.99 9.95 4.23
CA LEU B 38 -16.16 8.73 4.16
C LEU B 38 -16.64 7.81 3.03
N TRP B 39 -15.69 7.38 2.20
CA TRP B 39 -15.94 6.41 1.15
C TRP B 39 -15.45 5.05 1.65
N HIS B 40 -16.38 4.13 1.95
CA HIS B 40 -16.02 2.80 2.44
C HIS B 40 -15.56 1.88 1.32
N PRO B 41 -14.62 0.96 1.63
CA PRO B 41 -14.13 -0.01 0.66
C PRO B 41 -15.17 -1.09 0.42
N TRP B 42 -15.21 -1.61 -0.80
CA TRP B 42 -15.98 -2.82 -1.12
C TRP B 42 -17.43 -2.76 -0.63
N SER B 43 -18.06 -1.61 -0.87
CA SER B 43 -19.39 -1.31 -0.35
C SER B 43 -20.30 -0.71 -1.39
N SER B 44 -21.60 -0.94 -1.21
CA SER B 44 -22.61 -0.30 -2.03
C SER B 44 -22.78 1.15 -1.61
N VAL B 45 -22.97 2.01 -2.60
CA VAL B 45 -23.30 3.42 -2.38
C VAL B 45 -24.64 3.57 -1.62
N ARG B 46 -25.62 2.72 -1.93
CA ARG B 46 -26.96 2.85 -1.32
C ARG B 46 -27.18 1.94 -0.09
N ASP B 51 -27.66 0.30 9.78
CA ASP B 51 -26.39 0.94 9.46
C ASP B 51 -25.19 0.35 10.24
N ARG B 52 -23.98 0.79 9.87
CA ARG B 52 -22.74 0.14 10.29
C ARG B 52 -22.41 0.36 11.76
N PRO B 53 -21.95 -0.70 12.47
CA PRO B 53 -21.43 -0.45 13.81
C PRO B 53 -20.16 0.42 13.80
N ILE B 54 -20.01 1.25 14.84
CA ILE B 54 -18.82 2.07 15.02
C ILE B 54 -18.03 1.48 16.17
N LEU B 55 -16.89 0.85 15.87
CA LEU B 55 -16.06 0.25 16.91
C LEU B 55 -15.10 1.30 17.44
N VAL B 56 -14.94 1.33 18.77
CA VAL B 56 -14.15 2.38 19.42
C VAL B 56 -12.96 1.92 20.26
N ALA B 57 -12.99 0.70 20.78
CA ALA B 57 -11.92 0.23 21.64
C ALA B 57 -11.95 -1.27 21.71
N GLY B 58 -10.79 -1.86 21.95
CA GLY B 58 -10.70 -3.30 22.10
C GLY B 58 -9.66 -3.71 23.09
N GLU B 59 -9.79 -4.93 23.59
CA GLU B 59 -8.83 -5.52 24.51
C GLU B 59 -8.85 -7.01 24.33
N GLY B 60 -7.68 -7.63 24.10
CA GLY B 60 -7.60 -9.06 23.82
C GLY B 60 -8.43 -9.41 22.61
N CYS B 61 -9.42 -10.29 22.78
CA CYS B 61 -10.32 -10.68 21.69
C CYS B 61 -11.66 -9.95 21.66
N ARG B 62 -11.84 -8.94 22.51
CA ARG B 62 -13.12 -8.26 22.60
C ARG B 62 -13.00 -6.85 22.08
N VAL B 63 -14.09 -6.38 21.48
CA VAL B 63 -14.15 -5.03 20.97
C VAL B 63 -15.48 -4.42 21.41
N ARG B 64 -15.49 -3.09 21.56
CA ARG B 64 -16.67 -2.37 22.03
C ARG B 64 -17.09 -1.33 20.98
N ASP B 65 -18.40 -1.21 20.76
CA ASP B 65 -18.93 -0.18 19.89
C ASP B 65 -19.23 1.14 20.61
N VAL B 66 -19.64 2.13 19.83
CA VAL B 66 -19.83 3.50 20.33
C VAL B 66 -20.98 3.62 21.34
N THR B 67 -21.95 2.71 21.26
CA THR B 67 -23.08 2.66 22.19
C THR B 67 -22.71 1.97 23.52
N GLY B 68 -21.56 1.30 23.57
CA GLY B 68 -21.11 0.57 24.74
C GLY B 68 -21.28 -0.95 24.66
N ALA B 69 -21.93 -1.46 23.61
CA ALA B 69 -22.08 -2.91 23.42
C ALA B 69 -20.71 -3.55 23.17
N GLY B 70 -20.49 -4.73 23.74
CA GLY B 70 -19.23 -5.45 23.59
C GLY B 70 -19.43 -6.74 22.83
N TYR B 71 -18.40 -7.14 22.07
CA TYR B 71 -18.45 -8.34 21.26
C TYR B 71 -17.17 -9.11 21.34
N LEU B 72 -17.28 -10.42 21.18
CA LEU B 72 -16.15 -11.26 20.82
C LEU B 72 -15.87 -11.01 19.34
N ASP B 73 -14.65 -10.55 19.02
CA ASP B 73 -14.32 -10.21 17.63
C ASP B 73 -13.76 -11.42 16.93
N ALA B 74 -14.64 -12.21 16.32
CA ALA B 74 -14.25 -13.40 15.57
C ALA B 74 -14.00 -13.08 14.09
N MET B 75 -13.68 -11.83 13.79
CA MET B 75 -13.02 -11.53 12.51
C MET B 75 -11.66 -10.83 12.69
N ALA B 76 -11.14 -10.76 13.94
CA ALA B 76 -9.80 -10.27 14.23
C ALA B 76 -9.51 -8.92 13.56
N SER B 77 -10.49 -8.03 13.69
CA SER B 77 -10.45 -6.63 13.25
C SER B 77 -10.57 -6.48 11.75
N ALA B 78 -9.56 -6.95 11.03
CA ALA B 78 -9.59 -6.99 9.56
C ALA B 78 -8.90 -8.28 9.13
N MET B 79 -9.28 -9.40 9.76
N MET B 79 -9.28 -9.37 9.80
CA MET B 79 -8.67 -10.71 9.51
CA MET B 79 -8.71 -10.70 9.57
C MET B 79 -7.17 -10.73 9.75
C MET B 79 -7.19 -10.72 9.75
N ASN B 80 -6.68 -9.84 10.62
CA ASN B 80 -5.24 -9.63 10.78
C ASN B 80 -4.72 -9.38 12.20
N SER B 81 -5.60 -9.37 13.20
CA SER B 81 -5.17 -9.14 14.58
C SER B 81 -4.71 -10.46 15.20
N SER B 82 -3.54 -10.92 14.78
CA SER B 82 -2.98 -12.17 15.23
C SER B 82 -2.79 -12.22 16.75
N CYS B 83 -2.45 -11.09 17.37
CA CYS B 83 -2.14 -11.03 18.80
C CYS B 83 -3.22 -10.30 19.61
N GLY B 84 -4.36 -10.03 18.98
CA GLY B 84 -5.46 -9.32 19.61
C GLY B 84 -5.20 -7.83 19.81
N TYR B 85 -6.14 -7.16 20.49
CA TYR B 85 -6.09 -5.72 20.75
C TYR B 85 -5.29 -5.41 22.01
N ALA B 86 -4.70 -4.22 22.00
CA ALA B 86 -3.97 -3.67 23.14
C ALA B 86 -2.94 -4.63 23.71
N HIS B 87 -2.22 -5.31 22.84
CA HIS B 87 -1.19 -6.23 23.30
C HIS B 87 0.03 -5.45 23.76
N PRO B 88 0.41 -5.58 25.04
CA PRO B 88 1.44 -4.68 25.54
C PRO B 88 2.82 -4.73 24.86
N ALA B 89 3.24 -5.92 24.44
CA ALA B 89 4.49 -6.10 23.73
C ALA B 89 4.51 -5.36 22.39
N LEU B 90 3.41 -5.42 21.66
CA LEU B 90 3.31 -4.74 20.36
C LEU B 90 3.25 -3.22 20.59
N LEU B 91 2.45 -2.80 21.57
CA LEU B 91 2.37 -1.36 21.90
C LEU B 91 3.74 -0.78 22.24
N GLU B 92 4.54 -1.49 23.04
CA GLU B 92 5.85 -1.00 23.44
C GLU B 92 6.81 -0.97 22.27
N ALA B 93 6.74 -1.99 21.40
CA ALA B 93 7.61 -2.03 20.25
C ALA B 93 7.36 -0.84 19.30
N ALA B 94 6.09 -0.53 19.08
CA ALA B 94 5.69 0.58 18.23
C ALA B 94 6.17 1.88 18.85
N ARG B 95 5.92 2.06 20.14
CA ARG B 95 6.30 3.30 20.82
C ARG B 95 7.81 3.55 20.74
N ARG B 96 8.59 2.54 21.07
CA ARG B 96 10.04 2.63 21.08
C ARG B 96 10.59 3.02 19.69
N GLN B 97 10.13 2.35 18.65
CA GLN B 97 10.67 2.64 17.33
C GLN B 97 10.18 3.98 16.79
N LEU B 98 8.93 4.33 17.04
CA LEU B 98 8.40 5.63 16.60
C LEU B 98 9.23 6.79 17.13
N GLU B 99 9.63 6.65 18.39
CA GLU B 99 10.42 7.69 19.05
C GLU B 99 11.81 7.78 18.43
N LEU B 100 12.40 6.65 18.04
CA LEU B 100 13.72 6.64 17.45
C LEU B 100 13.76 7.11 16.01
N LEU B 101 13.06 6.40 15.13
CA LEU B 101 13.19 6.59 13.70
C LEU B 101 11.98 5.90 13.02
N PRO B 102 11.01 6.67 12.51
CA PRO B 102 9.85 5.95 11.95
C PRO B 102 10.17 5.16 10.68
N HIS B 103 11.11 5.68 9.89
CA HIS B 103 11.50 5.12 8.63
C HIS B 103 12.66 5.96 8.10
N PHE B 104 13.34 5.43 7.09
CA PHE B 104 14.23 6.22 6.23
C PHE B 104 14.22 5.52 4.86
N ASP B 105 14.29 6.29 3.78
CA ASP B 105 14.27 5.77 2.41
C ASP B 105 15.31 4.66 2.25
N LEU B 106 14.86 3.44 1.93
CA LEU B 106 15.77 2.31 1.83
C LEU B 106 16.47 2.19 0.47
N SER B 107 16.21 3.11 -0.47
CA SER B 107 16.87 2.99 -1.78
C SER B 107 18.37 3.20 -1.69
N ALA B 108 18.77 4.18 -0.90
CA ALA B 108 20.19 4.48 -0.73
C ALA B 108 20.60 4.59 0.73
N ALA B 109 19.80 4.05 1.65
CA ALA B 109 20.21 3.95 3.06
C ALA B 109 19.58 2.69 3.64
N SER B 110 19.87 2.43 4.91
CA SER B 110 19.27 1.30 5.58
C SER B 110 18.91 1.67 7.01
N HIS B 111 18.12 0.82 7.63
CA HIS B 111 17.86 0.93 9.07
C HIS B 111 17.85 -0.48 9.69
N LEU B 112 18.06 -0.53 10.99
CA LEU B 112 18.25 -1.80 11.67
C LEU B 112 16.97 -2.68 11.70
N PRO B 113 15.77 -2.10 11.88
CA PRO B 113 14.57 -2.97 11.89
C PRO B 113 14.34 -3.71 10.56
N ALA B 114 14.66 -3.09 9.42
CA ALA B 114 14.45 -3.74 8.13
C ALA B 114 15.39 -4.95 8.02
N GLY B 115 16.64 -4.81 8.44
CA GLY B 115 17.57 -5.91 8.37
C GLY B 115 17.14 -7.07 9.26
N LEU B 116 16.73 -6.73 10.48
CA LEU B 116 16.26 -7.74 11.44
C LEU B 116 15.02 -8.47 10.92
N ALA B 117 14.08 -7.72 10.38
CA ALA B 117 12.82 -8.33 9.91
C ALA B 117 13.06 -9.17 8.70
N ALA B 118 13.92 -8.71 7.79
CA ALA B 118 14.24 -9.52 6.61
C ALA B 118 14.86 -10.85 6.99
N GLU B 119 15.77 -10.84 7.96
CA GLU B 119 16.44 -12.07 8.40
C GLU B 119 15.46 -13.02 9.12
N ARG B 120 14.64 -12.45 9.97
CA ARG B 120 13.74 -13.22 10.79
C ARG B 120 12.68 -13.91 9.94
N ILE B 121 12.13 -13.19 8.97
CA ILE B 121 11.11 -13.77 8.07
C ILE B 121 11.73 -14.89 7.25
N ALA B 122 12.88 -14.64 6.64
CA ALA B 122 13.59 -15.69 5.92
C ALA B 122 13.85 -16.90 6.82
N GLY B 123 14.21 -16.71 8.09
CA GLY B 123 14.49 -17.84 8.96
C GLY B 123 13.30 -18.74 9.25
N LEU B 124 12.09 -18.18 9.14
CA LEU B 124 10.86 -18.97 9.33
C LEU B 124 10.45 -19.78 8.09
N LEU B 125 11.00 -19.42 6.95
CA LEU B 125 10.67 -20.04 5.67
C LEU B 125 11.65 -21.14 5.31
N PRO B 126 11.26 -22.03 4.38
CA PRO B 126 12.16 -23.13 4.05
C PRO B 126 13.48 -22.74 3.41
N ALA B 127 14.41 -23.68 3.47
CA ALA B 127 15.72 -23.49 2.88
C ALA B 127 15.67 -23.02 1.44
N GLY B 128 16.39 -21.94 1.18
CA GLY B 128 16.44 -21.31 -0.13
C GLY B 128 15.66 -20.03 -0.24
N LEU B 129 14.65 -19.85 0.62
CA LEU B 129 13.88 -18.59 0.64
C LEU B 129 14.59 -17.66 1.57
N GLU B 130 15.29 -16.69 1.02
CA GLU B 130 16.27 -15.91 1.80
C GLU B 130 16.21 -14.40 1.60
N ARG B 131 15.56 -13.90 0.56
CA ARG B 131 15.65 -12.50 0.16
C ARG B 131 14.28 -11.86 0.26
N THR B 132 14.14 -10.85 1.13
CA THR B 132 12.83 -10.30 1.47
C THR B 132 12.70 -8.85 1.06
N PHE B 133 11.60 -8.56 0.37
CA PHE B 133 11.26 -7.21 -0.11
C PHE B 133 10.04 -6.75 0.69
N PHE B 134 10.05 -5.51 1.17
CA PHE B 134 8.94 -4.98 1.96
C PHE B 134 8.07 -3.98 1.25
N VAL B 135 6.76 -4.10 1.46
CA VAL B 135 5.76 -3.20 0.88
C VAL B 135 4.70 -2.93 1.96
N ASN B 136 3.62 -2.22 1.63
CA ASN B 136 2.61 -1.83 2.63
C ASN B 136 1.41 -2.77 2.75
N SER B 137 0.99 -3.38 1.63
CA SER B 137 -0.22 -4.18 1.56
C SER B 137 -0.02 -5.47 0.81
N GLY B 138 -0.95 -6.40 1.00
CA GLY B 138 -0.94 -7.63 0.22
C GLY B 138 -1.07 -7.40 -1.27
N SER B 139 -1.84 -6.38 -1.63
CA SER B 139 -2.01 -6.03 -3.06
C SER B 139 -0.68 -5.58 -3.67
N GLU B 140 0.06 -4.75 -2.96
CA GLU B 140 1.42 -4.35 -3.40
C GLU B 140 2.38 -5.53 -3.47
N ALA B 141 2.23 -6.46 -2.53
CA ALA B 141 3.06 -7.66 -2.54
C ALA B 141 2.78 -8.49 -3.81
N THR B 142 1.52 -8.58 -4.20
CA THR B 142 1.16 -9.25 -5.47
C THR B 142 1.73 -8.48 -6.66
N GLU B 143 1.60 -7.14 -6.65
CA GLU B 143 2.21 -6.33 -7.72
C GLU B 143 3.71 -6.59 -7.87
N ALA B 144 4.42 -6.61 -6.75
CA ALA B 144 5.85 -6.87 -6.79
C ALA B 144 6.13 -8.31 -7.23
N ALA B 145 5.34 -9.28 -6.76
CA ALA B 145 5.55 -10.68 -7.09
C ALA B 145 5.36 -10.92 -8.60
N VAL B 146 4.36 -10.28 -9.19
CA VAL B 146 4.10 -10.49 -10.62
C VAL B 146 5.19 -9.83 -11.46
N ARG B 147 5.62 -8.61 -11.08
CA ARG B 147 6.76 -7.99 -11.73
C ARG B 147 7.97 -8.89 -11.63
N ILE B 148 8.27 -9.40 -10.43
CA ILE B 148 9.43 -10.26 -10.24
C ILE B 148 9.35 -11.46 -11.16
N ALA B 149 8.18 -12.09 -11.22
CA ALA B 149 8.01 -13.30 -12.03
C ALA B 149 8.30 -12.97 -13.49
N HIS B 150 7.67 -11.93 -14.02
CA HIS B 150 7.89 -11.56 -15.43
C HIS B 150 9.34 -11.14 -15.68
N ASP B 151 9.84 -10.24 -14.85
CA ASP B 151 11.20 -9.73 -15.06
C ASP B 151 12.27 -10.81 -14.92
N HIS B 152 12.06 -11.79 -14.03
CA HIS B 152 13.00 -12.87 -13.88
C HIS B 152 13.22 -13.62 -15.20
N TRP B 153 12.15 -13.93 -15.91
CA TRP B 153 12.24 -14.60 -17.21
C TRP B 153 12.89 -13.72 -18.27
N THR B 154 12.52 -12.44 -18.33
CA THR B 154 13.26 -11.49 -19.21
C THR B 154 14.77 -11.45 -18.87
N ASN B 155 15.11 -11.40 -17.57
CA ASN B 155 16.51 -11.39 -17.13
C ASN B 155 17.29 -12.61 -17.61
N ARG B 156 16.61 -13.75 -17.66
CA ARG B 156 17.18 -15.00 -18.12
C ARG B 156 17.28 -15.14 -19.64
N GLY B 157 16.76 -14.19 -20.38
CA GLY B 157 16.73 -14.28 -21.84
C GLY B 157 15.70 -15.22 -22.41
N GLU B 158 14.66 -15.55 -21.62
CA GLU B 158 13.56 -16.41 -22.04
C GLU B 158 12.25 -15.82 -21.54
N PRO B 159 11.74 -14.75 -22.17
CA PRO B 159 10.54 -14.10 -21.64
C PRO B 159 9.34 -15.05 -21.49
N ARG B 160 8.60 -14.90 -20.39
CA ARG B 160 7.36 -15.62 -20.16
C ARG B 160 6.35 -14.65 -19.58
N ASP B 161 5.16 -14.57 -20.16
CA ASP B 161 4.14 -13.62 -19.74
C ASP B 161 2.96 -14.21 -18.97
N ARG B 162 2.73 -15.50 -19.06
CA ARG B 162 1.47 -16.09 -18.57
C ARG B 162 1.56 -16.49 -17.12
N LEU B 163 0.50 -16.25 -16.37
CA LEU B 163 0.32 -16.82 -15.03
C LEU B 163 -0.88 -17.77 -14.99
N VAL B 164 -0.80 -18.75 -14.11
CA VAL B 164 -1.88 -19.68 -13.84
C VAL B 164 -2.30 -19.49 -12.39
N THR B 165 -3.60 -19.34 -12.18
CA THR B 165 -4.21 -19.02 -10.86
C THR B 165 -5.48 -19.82 -10.68
N PHE B 166 -6.07 -19.72 -9.49
CA PHE B 166 -7.46 -20.12 -9.25
C PHE B 166 -8.39 -18.98 -9.68
N ALA B 167 -9.44 -19.32 -10.43
CA ALA B 167 -10.51 -18.33 -10.70
C ALA B 167 -11.14 -17.80 -9.40
N ALA B 168 -11.21 -18.65 -8.38
CA ALA B 168 -11.76 -18.23 -7.07
C ALA B 168 -10.72 -17.62 -6.15
N GLY B 169 -9.50 -17.43 -6.62
CA GLY B 169 -8.45 -16.81 -5.82
C GLY B 169 -8.66 -15.32 -5.66
N TYR B 170 -8.11 -14.76 -4.58
CA TYR B 170 -8.09 -13.33 -4.40
C TYR B 170 -6.70 -12.93 -3.98
N HIS B 171 -6.14 -11.95 -4.68
CA HIS B 171 -4.74 -11.54 -4.46
C HIS B 171 -4.59 -10.05 -4.23
N GLY B 172 -5.71 -9.36 -4.07
CA GLY B 172 -5.71 -7.94 -3.82
C GLY B 172 -6.57 -7.16 -4.78
N THR B 173 -6.46 -5.86 -4.67
CA THR B 173 -7.42 -4.92 -5.26
C THR B 173 -6.88 -4.02 -6.38
N THR B 174 -5.58 -4.02 -6.62
CA THR B 174 -5.02 -3.22 -7.73
C THR B 174 -5.33 -3.94 -9.05
N LEU B 175 -5.08 -3.29 -10.19
CA LEU B 175 -5.48 -3.89 -11.47
C LEU B 175 -4.81 -5.24 -11.72
N VAL B 176 -3.52 -5.33 -11.48
CA VAL B 176 -2.81 -6.60 -11.68
C VAL B 176 -3.35 -7.67 -10.73
N ALA B 177 -3.49 -7.33 -9.46
CA ALA B 177 -3.96 -8.31 -8.49
C ALA B 177 -5.37 -8.79 -8.85
N GLN B 178 -6.24 -7.87 -9.25
CA GLN B 178 -7.60 -8.24 -9.65
C GLN B 178 -7.61 -9.08 -10.92
N HIS B 179 -6.72 -8.78 -11.85
CA HIS B 179 -6.63 -9.54 -13.10
C HIS B 179 -6.34 -11.03 -12.86
N LEU B 180 -5.60 -11.33 -11.80
CA LEU B 180 -5.29 -12.73 -11.48
C LEU B 180 -6.55 -13.51 -11.07
N SER B 181 -7.52 -12.83 -10.47
CA SER B 181 -8.75 -13.42 -9.99
C SER B 181 -9.81 -13.51 -11.09
N GLY B 182 -10.66 -14.53 -10.97
CA GLY B 182 -11.86 -14.66 -11.78
C GLY B 182 -13.14 -14.31 -11.05
N LEU B 183 -13.04 -13.84 -9.81
CA LEU B 183 -14.24 -13.48 -9.05
C LEU B 183 -14.95 -12.32 -9.74
N PRO B 184 -16.30 -12.36 -9.81
CA PRO B 184 -17.03 -11.36 -10.63
C PRO B 184 -16.77 -9.92 -10.23
N THR B 185 -16.66 -9.63 -8.94
CA THR B 185 -16.45 -8.24 -8.50
C THR B 185 -15.01 -7.76 -8.71
N ASN B 186 -14.09 -8.67 -9.11
CA ASN B 186 -12.75 -8.28 -9.51
C ASN B 186 -12.56 -8.03 -10.99
N ALA B 187 -13.65 -7.83 -11.74
CA ALA B 187 -13.53 -7.46 -13.14
C ALA B 187 -12.67 -6.18 -13.26
N ILE B 188 -11.67 -6.21 -14.12
CA ILE B 188 -10.74 -5.08 -14.21
C ILE B 188 -11.32 -3.96 -15.07
N HIS B 189 -10.77 -2.76 -14.89
CA HIS B 189 -11.17 -1.55 -15.61
C HIS B 189 -10.30 -1.21 -16.82
N GLY B 190 -9.69 -2.22 -17.42
CA GLY B 190 -8.99 -2.01 -18.68
C GLY B 190 -8.97 -3.35 -19.37
N THR B 191 -7.98 -3.54 -20.22
CA THR B 191 -7.79 -4.81 -20.88
C THR B 191 -6.60 -5.56 -20.27
N ALA B 192 -6.51 -6.85 -20.58
CA ALA B 192 -5.54 -7.73 -19.95
C ALA B 192 -4.10 -7.27 -20.19
N PRO B 193 -3.31 -7.01 -19.12
CA PRO B 193 -1.90 -6.64 -19.31
C PRO B 193 -0.95 -7.81 -19.56
N PHE B 194 -1.45 -9.02 -19.35
CA PHE B 194 -0.74 -10.25 -19.64
C PHE B 194 -1.74 -11.39 -19.57
N PRO B 195 -1.43 -12.53 -20.20
CA PRO B 195 -2.37 -13.63 -20.18
C PRO B 195 -2.42 -14.33 -18.82
N VAL B 196 -3.61 -14.67 -18.37
CA VAL B 196 -3.80 -15.48 -17.17
C VAL B 196 -4.74 -16.64 -17.50
N THR B 197 -4.39 -17.83 -17.05
CA THR B 197 -5.21 -19.02 -17.15
C THR B 197 -5.74 -19.31 -15.77
N ARG B 198 -7.05 -19.14 -15.58
CA ARG B 198 -7.67 -19.22 -14.26
C ARG B 198 -8.43 -20.55 -14.16
N VAL B 199 -8.05 -21.39 -13.22
CA VAL B 199 -8.62 -22.71 -13.08
C VAL B 199 -9.89 -22.66 -12.24
N GLU B 200 -10.98 -23.22 -12.76
CA GLU B 200 -12.23 -23.27 -12.04
C GLU B 200 -12.24 -24.46 -11.10
N LEU B 201 -12.96 -24.35 -9.97
CA LEU B 201 -13.09 -25.48 -9.06
C LEU B 201 -13.85 -26.62 -9.75
N PRO B 202 -13.29 -27.85 -9.71
CA PRO B 202 -13.93 -28.96 -10.45
C PRO B 202 -15.07 -29.60 -9.67
N LEU B 203 -15.19 -29.28 -8.39
CA LEU B 203 -16.22 -29.74 -7.49
C LEU B 203 -16.55 -28.62 -6.55
N GLU B 204 -17.72 -28.69 -5.95
CA GLU B 204 -18.07 -27.70 -4.95
C GLU B 204 -17.11 -27.80 -3.75
N PRO B 205 -16.92 -26.68 -3.02
CA PRO B 205 -15.98 -26.68 -1.87
C PRO B 205 -16.24 -27.79 -0.86
N ALA B 206 -17.51 -28.13 -0.60
CA ALA B 206 -17.81 -29.21 0.33
C ALA B 206 -17.23 -30.57 -0.05
N ALA B 207 -16.95 -30.77 -1.34
CA ALA B 207 -16.48 -32.05 -1.87
C ALA B 207 -15.00 -32.01 -2.25
N LEU B 208 -14.30 -30.93 -1.86
CA LEU B 208 -12.96 -30.70 -2.33
C LEU B 208 -11.86 -31.30 -1.45
N ARG B 209 -12.21 -31.98 -0.37
CA ARG B 209 -11.20 -32.42 0.62
C ARG B 209 -10.75 -33.87 0.46
N THR B 210 -11.16 -34.51 -0.63
CA THR B 210 -10.95 -35.94 -0.83
C THR B 210 -9.81 -36.25 -1.79
N PRO B 211 -9.36 -37.52 -1.83
CA PRO B 211 -8.38 -37.91 -2.84
C PRO B 211 -8.90 -37.76 -4.27
N GLU B 212 -10.20 -37.88 -4.47
CA GLU B 212 -10.79 -37.71 -5.79
C GLU B 212 -10.68 -36.25 -6.22
N ALA B 213 -10.88 -35.33 -5.28
CA ALA B 213 -10.72 -33.91 -5.53
C ALA B 213 -9.27 -33.53 -5.86
N LEU B 214 -8.32 -34.16 -5.16
CA LEU B 214 -6.92 -33.97 -5.51
C LEU B 214 -6.65 -34.30 -6.96
N THR B 215 -7.11 -35.48 -7.40
CA THR B 215 -6.91 -35.89 -8.79
C THR B 215 -7.50 -34.87 -9.79
N LEU B 216 -8.72 -34.44 -9.54
CA LEU B 216 -9.36 -33.48 -10.43
C LEU B 216 -8.64 -32.14 -10.44
N LEU B 217 -8.23 -31.65 -9.26
CA LEU B 217 -7.51 -30.37 -9.19
C LEU B 217 -6.14 -30.42 -9.80
N ALA B 218 -5.39 -31.48 -9.50
CA ALA B 218 -4.06 -31.64 -10.07
C ALA B 218 -4.12 -31.73 -11.60
N ASP B 219 -5.08 -32.49 -12.12
CA ASP B 219 -5.23 -32.62 -13.56
C ASP B 219 -5.66 -31.30 -14.20
N ALA B 220 -6.55 -30.55 -13.54
CA ALA B 220 -6.96 -29.24 -14.08
C ALA B 220 -5.77 -28.28 -14.15
N PHE B 221 -4.96 -28.26 -13.09
CA PHE B 221 -3.81 -27.37 -13.11
C PHE B 221 -2.75 -27.82 -14.10
N GLU B 222 -2.60 -29.13 -14.27
CA GLU B 222 -1.69 -29.65 -15.29
C GLU B 222 -2.10 -29.17 -16.71
N ARG B 223 -3.38 -29.30 -17.01
CA ARG B 223 -3.91 -28.85 -18.30
C ARG B 223 -3.65 -27.36 -18.48
N ALA B 224 -3.89 -26.56 -17.43
CA ALA B 224 -3.65 -25.13 -17.50
C ALA B 224 -2.19 -24.79 -17.74
N VAL B 225 -1.30 -25.44 -17.01
CA VAL B 225 0.13 -25.21 -17.15
C VAL B 225 0.66 -25.58 -18.54
N LEU B 226 0.16 -26.70 -19.06
CA LEU B 226 0.61 -27.18 -20.37
C LEU B 226 -0.17 -26.57 -21.57
N ASP B 227 -1.13 -25.69 -21.32
CA ASP B 227 -1.90 -25.01 -22.37
C ASP B 227 -1.11 -23.84 -22.94
N GLY B 228 -0.33 -24.12 -23.97
CA GLY B 228 0.44 -23.08 -24.64
C GLY B 228 1.81 -23.01 -24.02
N PRO B 229 2.58 -21.93 -24.31
CA PRO B 229 3.92 -21.84 -23.80
C PRO B 229 4.01 -21.86 -22.25
N PRO B 230 5.10 -22.41 -21.71
CA PRO B 230 5.22 -22.54 -20.24
C PRO B 230 4.98 -21.22 -19.52
N PRO B 231 4.22 -21.24 -18.40
CA PRO B 231 3.96 -19.98 -17.73
C PRO B 231 5.15 -19.47 -16.93
N ALA B 232 5.12 -18.17 -16.68
CA ALA B 232 6.08 -17.54 -15.77
C ALA B 232 5.97 -18.07 -14.36
N ALA B 233 4.73 -18.28 -13.91
CA ALA B 233 4.45 -18.64 -12.52
C ALA B 233 3.08 -19.24 -12.39
N VAL B 234 2.94 -20.05 -11.34
CA VAL B 234 1.66 -20.51 -10.84
C VAL B 234 1.51 -19.84 -9.48
N MET B 235 0.43 -19.08 -9.30
CA MET B 235 0.20 -18.33 -8.03
C MET B 235 -1.11 -18.78 -7.40
N VAL B 236 -1.04 -19.30 -6.17
CA VAL B 236 -2.22 -19.76 -5.44
C VAL B 236 -2.11 -19.45 -3.94
N GLU B 237 -3.26 -19.32 -3.32
CA GLU B 237 -3.41 -19.42 -1.85
C GLU B 237 -3.42 -20.90 -1.44
N PRO B 238 -2.99 -21.20 -0.19
CA PRO B 238 -3.02 -22.60 0.27
C PRO B 238 -4.39 -23.02 0.84
N LEU B 239 -5.25 -22.03 1.06
CA LEU B 239 -6.63 -22.20 1.53
C LEU B 239 -7.27 -20.92 0.98
N LEU B 240 -8.42 -21.01 0.30
CA LEU B 240 -8.98 -19.85 -0.42
C LEU B 240 -9.79 -19.03 0.56
N ASN B 241 -9.35 -17.81 0.83
CA ASN B 241 -10.01 -16.95 1.82
C ASN B 241 -11.29 -16.33 1.25
N VAL B 242 -11.12 -15.32 0.42
CA VAL B 242 -12.25 -14.59 -0.17
C VAL B 242 -13.15 -15.50 -1.02
N GLY B 243 -12.57 -16.54 -1.63
CA GLY B 243 -13.33 -17.56 -2.33
C GLY B 243 -14.26 -18.43 -1.50
N GLY B 244 -14.19 -18.30 -0.16
CA GLY B 244 -15.12 -18.94 0.75
C GLY B 244 -14.53 -19.88 1.78
N GLY B 245 -13.33 -19.58 2.28
CA GLY B 245 -12.70 -20.47 3.27
C GLY B 245 -12.56 -21.88 2.75
N VAL B 246 -12.15 -21.99 1.50
CA VAL B 246 -12.13 -23.28 0.80
C VAL B 246 -10.86 -24.02 1.17
N VAL B 247 -11.02 -25.20 1.76
CA VAL B 247 -9.92 -26.06 2.19
C VAL B 247 -9.57 -26.98 1.02
N LEU B 248 -8.29 -27.00 0.66
CA LEU B 248 -7.81 -27.77 -0.46
C LEU B 248 -7.38 -29.17 0.03
N PRO B 249 -7.39 -30.17 -0.87
CA PRO B 249 -7.04 -31.49 -0.39
C PRO B 249 -5.55 -31.66 -0.19
N ASP B 250 -5.19 -32.49 0.79
CA ASP B 250 -3.79 -32.79 1.05
C ASP B 250 -3.13 -33.28 -0.23
N GLY B 251 -1.95 -32.73 -0.52
CA GLY B 251 -1.20 -33.09 -1.70
C GLY B 251 -1.33 -32.13 -2.88
N PHE B 252 -2.30 -31.22 -2.84
CA PHE B 252 -2.48 -30.30 -3.95
C PHE B 252 -1.25 -29.41 -4.22
N LEU B 253 -0.69 -28.81 -3.17
CA LEU B 253 0.50 -27.98 -3.38
C LEU B 253 1.70 -28.80 -3.80
N ARG B 254 1.82 -30.05 -3.34
CA ARG B 254 2.90 -30.90 -3.79
C ARG B 254 2.77 -31.17 -5.28
N ALA B 255 1.54 -31.35 -5.75
CA ALA B 255 1.31 -31.50 -7.20
C ALA B 255 1.75 -30.28 -7.97
N LEU B 256 1.43 -29.09 -7.46
CA LEU B 256 1.86 -27.85 -8.11
C LEU B 256 3.37 -27.67 -8.09
N ARG B 257 4.01 -28.02 -6.98
CA ARG B 257 5.47 -28.02 -6.91
C ARG B 257 6.09 -28.84 -8.05
N ALA B 258 5.56 -30.04 -8.28
CA ALA B 258 6.07 -30.89 -9.37
C ALA B 258 5.81 -30.30 -10.73
N LEU B 259 4.63 -29.70 -10.93
CA LEU B 259 4.32 -29.06 -12.21
C LEU B 259 5.22 -27.85 -12.49
N CYS B 260 5.46 -27.04 -11.45
CA CYS B 260 6.41 -25.92 -11.57
C CYS B 260 7.84 -26.43 -11.84
N ASP B 261 8.23 -27.49 -11.15
CA ASP B 261 9.55 -28.10 -11.37
C ASP B 261 9.68 -28.72 -12.76
N ARG B 262 8.58 -29.20 -13.31
CA ARG B 262 8.60 -29.77 -14.67
C ARG B 262 8.78 -28.71 -15.73
N THR B 263 8.10 -27.58 -15.57
CA THR B 263 8.02 -26.55 -16.62
C THR B 263 8.92 -25.36 -16.38
N GLY B 264 9.51 -25.26 -15.19
CA GLY B 264 10.34 -24.11 -14.80
C GLY B 264 9.58 -22.95 -14.18
N ALA B 265 8.25 -22.98 -14.26
CA ALA B 265 7.44 -21.88 -13.71
C ALA B 265 7.76 -21.68 -12.23
N LEU B 266 7.72 -20.43 -11.78
CA LEU B 266 7.87 -20.15 -10.35
C LEU B 266 6.59 -20.56 -9.59
N LEU B 267 6.77 -21.21 -8.45
CA LEU B 267 5.65 -21.53 -7.55
C LEU B 267 5.56 -20.37 -6.59
N ILE B 268 4.49 -19.60 -6.72
CA ILE B 268 4.20 -18.46 -5.84
C ILE B 268 3.08 -18.87 -4.91
N VAL B 269 3.31 -18.83 -3.60
CA VAL B 269 2.21 -19.09 -2.64
C VAL B 269 1.86 -17.79 -1.96
N ASP B 270 0.58 -17.43 -2.04
CA ASP B 270 0.05 -16.23 -1.39
C ASP B 270 -0.34 -16.60 0.04
N GLU B 271 0.50 -16.15 1.00
CA GLU B 271 0.29 -16.36 2.43
C GLU B 271 -0.20 -15.09 3.11
N VAL B 272 -0.76 -14.16 2.37
CA VAL B 272 -1.23 -12.93 2.96
C VAL B 272 -2.26 -13.18 4.05
N PHE B 273 -3.17 -14.13 3.82
CA PHE B 273 -4.16 -14.51 4.85
C PHE B 273 -3.69 -15.61 5.77
N CYS B 274 -3.12 -16.66 5.19
CA CYS B 274 -2.76 -17.83 5.98
C CYS B 274 -1.50 -17.68 6.80
N GLY B 275 -0.67 -16.70 6.49
CA GLY B 275 0.64 -16.64 7.13
C GLY B 275 0.61 -16.36 8.62
N PHE B 276 1.66 -16.83 9.29
CA PHE B 276 1.94 -16.56 10.71
C PHE B 276 0.91 -17.15 11.67
N GLY B 277 0.58 -18.41 11.44
CA GLY B 277 -0.16 -19.19 12.43
C GLY B 277 -1.63 -19.39 12.18
N ARG B 278 -2.21 -18.68 11.20
CA ARG B 278 -3.67 -18.64 11.01
C ARG B 278 -4.27 -20.04 10.85
N THR B 279 -3.60 -20.93 10.14
CA THR B 279 -4.12 -22.27 9.88
C THR B 279 -3.52 -23.35 10.77
N GLY B 280 -2.83 -22.95 11.84
CA GLY B 280 -2.25 -23.93 12.76
C GLY B 280 -0.89 -24.47 12.33
N ARG B 281 -0.30 -23.85 11.30
CA ARG B 281 1.12 -23.98 10.98
CA ARG B 281 1.11 -23.99 10.97
C ARG B 281 1.63 -22.58 10.78
N MET B 282 2.96 -22.43 10.76
CA MET B 282 3.49 -21.06 10.61
C MET B 282 3.05 -20.47 9.26
N PHE B 283 2.97 -21.30 8.23
CA PHE B 283 2.43 -20.91 6.93
C PHE B 283 1.46 -21.97 6.44
N GLY B 284 0.44 -21.55 5.69
CA GLY B 284 -0.50 -22.52 5.15
C GLY B 284 0.11 -23.58 4.26
N PHE B 285 1.15 -23.23 3.50
CA PHE B 285 1.80 -24.20 2.62
C PHE B 285 2.52 -25.29 3.40
N GLN B 286 2.75 -25.11 4.70
CA GLN B 286 3.46 -26.14 5.49
C GLN B 286 2.60 -27.37 5.75
N HIS B 287 1.27 -27.28 5.61
CA HIS B 287 0.44 -28.49 5.74
C HIS B 287 0.87 -29.52 4.69
N ASP B 288 1.05 -29.08 3.45
CA ASP B 288 1.50 -29.98 2.37
C ASP B 288 3.00 -30.24 2.43
N GLY B 289 3.76 -29.32 3.01
CA GLY B 289 5.21 -29.48 3.14
C GLY B 289 6.08 -29.12 1.95
N VAL B 290 5.64 -28.17 1.16
CA VAL B 290 6.38 -27.74 -0.03
C VAL B 290 7.33 -26.56 0.23
N THR B 291 8.27 -26.37 -0.69
CA THR B 291 9.13 -25.19 -0.73
C THR B 291 8.72 -24.34 -1.92
N PRO B 292 8.00 -23.21 -1.69
CA PRO B 292 7.69 -22.30 -2.78
C PRO B 292 8.94 -21.58 -3.31
N ASP B 293 8.84 -21.01 -4.49
CA ASP B 293 9.87 -20.09 -5.00
C ASP B 293 9.71 -18.64 -4.56
N LEU B 294 8.47 -18.26 -4.22
CA LEU B 294 8.19 -16.91 -3.75
C LEU B 294 6.96 -16.98 -2.86
N VAL B 295 7.00 -16.29 -1.74
CA VAL B 295 5.89 -16.24 -0.78
C VAL B 295 5.54 -14.79 -0.51
N THR B 296 4.25 -14.44 -0.58
CA THR B 296 3.78 -13.11 -0.18
C THR B 296 3.08 -13.21 1.18
N MET B 297 3.18 -12.12 1.96
CA MET B 297 2.76 -12.08 3.36
C MET B 297 2.23 -10.71 3.71
N SER B 298 1.26 -10.65 4.64
CA SER B 298 0.76 -9.38 5.18
C SER B 298 -0.13 -9.78 6.38
N LYS B 299 -1.24 -9.11 6.59
CA LYS B 299 -2.17 -9.42 7.72
C LYS B 299 -1.50 -9.67 9.07
N GLY B 300 -1.49 -10.92 9.51
CA GLY B 300 -1.01 -11.28 10.85
C GLY B 300 0.42 -10.90 11.20
N ILE B 301 1.25 -10.66 10.18
CA ILE B 301 2.66 -10.29 10.35
C ILE B 301 2.83 -9.08 11.27
N SER B 302 1.98 -8.05 11.13
CA SER B 302 2.14 -6.89 12.01
C SER B 302 1.01 -6.78 13.01
N GLY B 303 0.22 -7.86 13.16
CA GLY B 303 -0.94 -7.85 14.04
C GLY B 303 -2.01 -6.85 13.67
N GLY B 304 -1.92 -6.27 12.47
CA GLY B 304 -2.75 -5.15 12.06
C GLY B 304 -2.37 -3.81 12.67
N TYR B 305 -1.32 -3.75 13.48
CA TYR B 305 -1.04 -2.51 14.22
C TYR B 305 -0.41 -1.44 13.36
N VAL B 306 0.32 -1.84 12.29
CA VAL B 306 0.89 -0.92 11.32
C VAL B 306 0.76 -1.58 9.97
N PRO B 307 0.31 -0.86 8.93
CA PRO B 307 0.27 -1.48 7.59
C PRO B 307 1.65 -2.05 7.19
N PHE B 308 1.70 -3.31 6.79
CA PHE B 308 2.95 -3.99 6.53
C PHE B 308 2.69 -5.20 5.67
N ALA B 309 3.59 -5.44 4.73
CA ALA B 309 3.55 -6.66 3.91
C ALA B 309 4.94 -6.96 3.42
N ALA B 310 5.13 -8.17 2.92
CA ALA B 310 6.45 -8.60 2.51
C ALA B 310 6.36 -9.71 1.48
N LEU B 311 7.45 -9.89 0.74
CA LEU B 311 7.61 -11.09 -0.04
C LEU B 311 9.02 -11.61 0.09
N THR B 312 9.18 -12.91 0.03
CA THR B 312 10.49 -13.55 0.14
C THR B 312 10.68 -14.50 -1.04
N THR B 313 11.86 -14.43 -1.63
CA THR B 313 12.20 -15.31 -2.75
C THR B 313 13.64 -15.84 -2.63
N THR B 314 14.09 -16.51 -3.68
CA THR B 314 15.36 -17.20 -3.69
C THR B 314 16.49 -16.31 -4.18
N ASP B 315 17.71 -16.73 -3.90
CA ASP B 315 18.87 -16.05 -4.45
C ASP B 315 18.95 -16.17 -5.96
N GLU B 316 18.51 -17.31 -6.55
CA GLU B 316 18.48 -17.44 -8.01
C GLU B 316 17.63 -16.35 -8.65
N VAL B 317 16.47 -16.09 -8.07
CA VAL B 317 15.60 -15.03 -8.58
C VAL B 317 16.22 -13.66 -8.37
N TYR B 318 16.70 -13.40 -7.16
CA TYR B 318 17.30 -12.13 -6.83
C TYR B 318 18.47 -11.77 -7.75
N ARG B 319 19.40 -12.69 -7.89
CA ARG B 319 20.65 -12.34 -8.59
C ARG B 319 20.41 -12.13 -10.08
N SER B 320 19.30 -12.67 -10.62
CA SER B 320 18.94 -12.46 -12.03
C SER B 320 18.75 -10.98 -12.38
N PHE B 321 18.39 -10.17 -11.40
CA PHE B 321 18.15 -8.75 -11.64
C PHE B 321 19.40 -7.92 -11.99
N ALA B 322 20.58 -8.49 -11.82
CA ALA B 322 21.78 -7.82 -12.35
C ALA B 322 21.68 -7.63 -13.87
N ALA B 323 20.92 -8.49 -14.55
CA ALA B 323 20.67 -8.38 -15.99
C ALA B 323 19.65 -7.34 -16.42
N ASP B 324 18.89 -6.76 -15.48
CA ASP B 324 17.95 -5.69 -15.85
C ASP B 324 18.72 -4.54 -16.54
N PRO B 325 18.38 -4.27 -17.83
CA PRO B 325 19.19 -3.30 -18.58
C PRO B 325 18.97 -1.82 -18.20
N LEU B 326 17.88 -1.52 -17.50
CA LEU B 326 17.54 -0.14 -17.14
C LEU B 326 18.10 0.28 -15.79
N LEU B 327 18.16 -0.65 -14.84
CA LEU B 327 18.65 -0.37 -13.49
C LEU B 327 19.72 -1.35 -12.95
N GLY B 328 19.78 -2.58 -13.48
CA GLY B 328 20.60 -3.61 -12.87
C GLY B 328 20.03 -4.06 -11.53
N GLY B 329 18.73 -3.84 -11.35
CA GLY B 329 18.01 -4.29 -10.16
C GLY B 329 16.50 -4.28 -10.43
N LEU B 330 15.72 -4.57 -9.39
CA LEU B 330 14.27 -4.58 -9.49
C LEU B 330 13.69 -3.17 -9.49
N ARG B 331 12.96 -2.85 -10.54
CA ARG B 331 12.41 -1.52 -10.76
C ARG B 331 11.04 -1.41 -10.08
N TYR B 332 11.09 -1.42 -8.75
CA TYR B 332 9.90 -1.41 -7.88
C TYR B 332 10.29 -0.82 -6.52
N GLY B 333 9.34 -0.13 -5.90
CA GLY B 333 9.50 0.32 -4.52
C GLY B 333 8.53 1.42 -4.15
N HIS B 334 8.12 1.39 -2.88
CA HIS B 334 7.22 2.34 -2.27
C HIS B 334 7.97 3.20 -1.27
N THR B 335 7.52 4.44 -1.15
CA THR B 335 8.02 5.40 -0.15
C THR B 335 8.17 4.85 1.26
N THR B 336 7.12 4.18 1.75
CA THR B 336 7.13 3.63 3.11
C THR B 336 7.34 2.12 3.12
N GLY B 337 7.78 1.52 2.00
CA GLY B 337 8.10 0.10 2.02
C GLY B 337 9.31 -0.16 2.90
N GLY B 338 9.14 -1.03 3.89
CA GLY B 338 10.19 -1.28 4.88
C GLY B 338 10.13 -0.35 6.06
N HIS B 339 8.98 0.30 6.24
CA HIS B 339 8.71 1.21 7.38
C HIS B 339 9.28 0.64 8.68
N ALA B 340 10.10 1.41 9.38
CA ALA B 340 10.82 0.86 10.55
C ALA B 340 9.90 0.50 11.71
N VAL B 341 8.82 1.26 11.91
CA VAL B 341 7.89 0.95 12.99
C VAL B 341 7.16 -0.36 12.65
N ALA B 342 6.71 -0.51 11.39
CA ALA B 342 6.09 -1.75 10.94
C ALA B 342 7.03 -2.91 11.17
N CYS B 343 8.30 -2.78 10.81
CA CYS B 343 9.29 -3.86 11.01
C CYS B 343 9.45 -4.18 12.50
N ALA B 344 9.56 -3.15 13.33
CA ALA B 344 9.75 -3.37 14.76
C ALA B 344 8.54 -4.07 15.37
N VAL B 345 7.34 -3.71 14.93
CA VAL B 345 6.11 -4.36 15.41
C VAL B 345 6.06 -5.82 14.94
N ALA B 346 6.39 -6.06 13.67
CA ALA B 346 6.44 -7.46 13.19
C ALA B 346 7.41 -8.32 13.99
N LEU B 347 8.57 -7.76 14.36
CA LEU B 347 9.51 -8.50 15.22
C LEU B 347 8.86 -8.85 16.57
N ALA B 348 8.13 -7.92 17.15
CA ALA B 348 7.40 -8.16 18.41
C ALA B 348 6.31 -9.19 18.22
N VAL B 349 5.56 -9.11 17.13
CA VAL B 349 4.55 -10.15 16.80
C VAL B 349 5.15 -11.55 16.76
N LEU B 350 6.27 -11.68 16.06
CA LEU B 350 6.93 -12.99 15.94
C LEU B 350 7.41 -13.48 17.30
N ASP B 351 7.88 -12.58 18.16
CA ASP B 351 8.24 -12.96 19.54
C ASP B 351 7.02 -13.48 20.33
N VAL B 352 5.89 -12.81 20.18
CA VAL B 352 4.66 -13.23 20.89
C VAL B 352 4.21 -14.59 20.36
N ILE B 353 4.13 -14.73 19.04
CA ILE B 353 3.69 -15.98 18.43
C ILE B 353 4.55 -17.15 18.94
N GLU B 354 5.86 -16.94 18.94
CA GLU B 354 6.78 -17.99 19.41
C GLU B 354 6.72 -18.23 20.90
N GLU B 355 6.82 -17.17 21.72
CA GLU B 355 6.79 -17.34 23.18
C GLU B 355 5.49 -17.98 23.64
N ARG B 356 4.35 -17.59 23.07
CA ARG B 356 3.06 -18.09 23.49
C ARG B 356 2.65 -19.38 22.78
N GLY B 357 3.45 -19.83 21.82
CA GLY B 357 3.08 -21.04 21.05
C GLY B 357 1.77 -20.87 20.30
N LEU B 358 1.54 -19.72 19.70
CA LEU B 358 0.24 -19.48 19.07
C LEU B 358 -0.01 -20.35 17.82
N VAL B 359 1.03 -20.82 17.17
CA VAL B 359 0.86 -21.72 16.03
C VAL B 359 0.15 -23.02 16.48
N GLY B 360 0.73 -23.66 17.48
CA GLY B 360 0.17 -24.90 17.99
C GLY B 360 -1.14 -24.69 18.70
N SER B 361 -1.29 -23.57 19.38
CA SER B 361 -2.56 -23.24 20.02
C SER B 361 -3.66 -23.09 18.97
N ALA B 362 -3.34 -22.41 17.87
CA ALA B 362 -4.32 -22.29 16.78
C ALA B 362 -4.70 -23.65 16.17
N ALA B 363 -3.74 -24.56 16.04
CA ALA B 363 -4.03 -25.90 15.56
C ALA B 363 -5.01 -26.61 16.50
N ARG B 364 -4.69 -26.60 17.78
CA ARG B 364 -5.48 -27.39 18.76
C ARG B 364 -6.85 -26.74 19.01
N LEU B 365 -6.86 -25.44 19.33
CA LEU B 365 -8.13 -24.74 19.52
C LEU B 365 -8.96 -24.68 18.25
N GLY B 366 -8.29 -24.55 17.11
CA GLY B 366 -8.99 -24.57 15.82
C GLY B 366 -9.69 -25.89 15.56
N ALA B 367 -9.04 -26.99 15.93
CA ALA B 367 -9.67 -28.30 15.78
C ALA B 367 -10.90 -28.41 16.69
N GLU B 368 -10.81 -27.86 17.89
CA GLU B 368 -11.96 -27.83 18.83
C GLU B 368 -13.09 -26.95 18.29
N LEU B 369 -12.74 -25.80 17.73
CA LEU B 369 -13.71 -24.93 17.07
C LEU B 369 -14.46 -25.69 15.95
N LEU B 370 -13.72 -26.34 15.05
CA LEU B 370 -14.33 -27.02 13.92
C LEU B 370 -15.22 -28.19 14.39
N ALA B 371 -14.74 -28.92 15.39
CA ALA B 371 -15.50 -30.04 15.95
C ALA B 371 -16.79 -29.54 16.60
N GLY B 372 -16.75 -28.36 17.20
CA GLY B 372 -17.93 -27.74 17.80
C GLY B 372 -18.96 -27.34 16.78
N LEU B 373 -18.51 -26.84 15.62
CA LEU B 373 -19.40 -26.36 14.58
C LEU B 373 -19.89 -27.49 13.67
N ALA B 374 -19.15 -28.59 13.57
CA ALA B 374 -19.39 -29.62 12.55
C ALA B 374 -20.82 -30.18 12.52
N PRO B 375 -21.44 -30.42 13.69
CA PRO B 375 -22.81 -30.98 13.67
C PRO B 375 -23.86 -30.07 13.04
N LEU B 376 -23.54 -28.79 12.88
CA LEU B 376 -24.46 -27.84 12.26
C LEU B 376 -24.70 -28.12 10.77
N ALA B 377 -23.84 -28.94 10.15
CA ALA B 377 -24.05 -29.39 8.78
C ALA B 377 -25.31 -30.23 8.60
N GLU B 378 -25.89 -30.75 9.69
CA GLU B 378 -27.17 -31.45 9.65
C GLU B 378 -28.34 -30.53 9.31
N HIS B 379 -28.23 -29.25 9.65
CA HIS B 379 -29.29 -28.27 9.36
C HIS B 379 -29.53 -28.17 7.83
N PRO B 380 -30.81 -28.07 7.40
CA PRO B 380 -31.11 -28.04 5.95
C PRO B 380 -30.44 -26.89 5.16
N GLU B 381 -30.38 -25.73 5.79
CA GLU B 381 -29.74 -24.53 5.25
C GLU B 381 -28.20 -24.51 5.26
N VAL B 382 -27.55 -25.44 5.96
CA VAL B 382 -26.06 -25.46 6.00
C VAL B 382 -25.50 -26.51 5.05
N THR B 383 -24.74 -26.10 4.05
CA THR B 383 -24.19 -27.06 3.10
C THR B 383 -22.80 -27.58 3.43
N ASP B 384 -22.06 -26.92 4.32
CA ASP B 384 -20.74 -27.41 4.70
C ASP B 384 -20.27 -26.71 5.96
N VAL B 385 -19.42 -27.41 6.70
CA VAL B 385 -18.65 -26.81 7.78
C VAL B 385 -17.22 -27.27 7.56
N ARG B 386 -16.29 -26.32 7.44
CA ARG B 386 -14.94 -26.62 6.99
C ARG B 386 -13.94 -25.64 7.59
N GLY B 387 -12.72 -26.11 7.80
CA GLY B 387 -11.71 -25.22 8.37
C GLY B 387 -10.38 -25.86 8.55
N LEU B 388 -9.39 -25.02 8.87
CA LEU B 388 -8.06 -25.49 9.21
C LEU B 388 -7.50 -24.48 10.22
N GLY B 389 -7.04 -24.92 11.38
CA GLY B 389 -6.64 -23.98 12.39
C GLY B 389 -7.72 -22.98 12.80
N LEU B 390 -7.36 -21.69 12.88
CA LEU B 390 -8.31 -20.67 13.30
C LEU B 390 -8.91 -19.91 12.11
N VAL B 391 -9.20 -20.64 11.03
CA VAL B 391 -10.22 -20.22 10.09
C VAL B 391 -11.23 -21.35 9.98
N ALA B 392 -12.49 -21.02 10.23
CA ALA B 392 -13.58 -21.99 10.11
C ALA B 392 -14.74 -21.32 9.41
N THR B 393 -15.41 -22.07 8.56
CA THR B 393 -16.48 -21.54 7.72
C THR B 393 -17.72 -22.40 7.85
N VAL B 394 -18.88 -21.73 8.00
CA VAL B 394 -20.18 -22.37 7.86
C VAL B 394 -20.75 -21.86 6.55
N GLU B 395 -20.85 -22.75 5.57
CA GLU B 395 -21.39 -22.41 4.27
C GLU B 395 -22.90 -22.65 4.27
N CYS B 396 -23.65 -21.62 3.92
CA CYS B 396 -25.10 -21.70 3.82
C CYS B 396 -25.53 -21.95 2.38
N ARG B 397 -26.78 -22.37 2.20
CA ARG B 397 -27.26 -22.63 0.84
C ARG B 397 -27.41 -21.36 0.00
N GLN B 398 -27.74 -20.22 0.62
CA GLN B 398 -27.83 -18.93 -0.08
C GLN B 398 -27.22 -17.77 0.72
N PRO B 399 -26.81 -16.69 0.05
CA PRO B 399 -26.30 -15.50 0.77
C PRO B 399 -27.23 -14.91 1.82
N GLU B 400 -28.54 -14.98 1.60
CA GLU B 400 -29.50 -14.42 2.56
C GLU B 400 -29.42 -15.14 3.90
N SER B 401 -29.26 -16.46 3.85
CA SER B 401 -29.08 -17.27 5.05
C SER B 401 -27.79 -16.89 5.78
N ALA B 402 -26.71 -16.72 5.02
CA ALA B 402 -25.41 -16.33 5.60
C ALA B 402 -25.53 -14.99 6.33
N ALA B 403 -26.16 -14.02 5.67
CA ALA B 403 -26.39 -12.71 6.27
C ALA B 403 -27.21 -12.78 7.55
N ALA B 404 -28.24 -13.63 7.55
CA ALA B 404 -29.08 -13.82 8.75
C ALA B 404 -28.29 -14.45 9.89
N LEU B 405 -27.40 -15.36 9.54
CA LEU B 405 -26.55 -16.03 10.54
C LEU B 405 -25.62 -15.00 11.21
N VAL B 406 -24.98 -14.18 10.39
CA VAL B 406 -24.06 -13.16 10.88
C VAL B 406 -24.81 -12.18 11.79
N ALA B 407 -26.00 -11.75 11.36
CA ALA B 407 -26.81 -10.82 12.13
C ALA B 407 -27.24 -11.38 13.50
N GLU B 408 -27.68 -12.65 13.53
CA GLU B 408 -28.04 -13.28 14.81
C GLU B 408 -26.82 -13.50 15.70
N ALA B 409 -25.69 -13.90 15.11
CA ALA B 409 -24.47 -14.04 15.90
C ALA B 409 -24.08 -12.71 16.57
N LYS B 410 -24.22 -11.59 15.84
CA LYS B 410 -23.96 -10.27 16.39
C LYS B 410 -24.89 -9.97 17.57
N ARG B 411 -26.17 -10.30 17.43
CA ARG B 411 -27.12 -10.21 18.58
C ARG B 411 -26.69 -11.01 19.79
N GLN B 412 -26.06 -12.17 19.55
CA GLN B 412 -25.49 -13.01 20.58
C GLN B 412 -24.15 -12.49 21.12
N GLY B 413 -23.57 -11.46 20.51
CA GLY B 413 -22.35 -10.85 21.01
C GLY B 413 -21.07 -11.32 20.32
N VAL B 414 -21.20 -11.86 19.11
CA VAL B 414 -20.04 -12.34 18.34
C VAL B 414 -20.04 -11.74 16.93
N LEU B 415 -18.89 -11.19 16.51
CA LEU B 415 -18.75 -10.62 15.17
C LEU B 415 -18.09 -11.64 14.22
N LEU B 416 -18.78 -11.99 13.15
CA LEU B 416 -18.33 -12.91 12.13
C LEU B 416 -18.26 -12.21 10.77
N ARG B 417 -17.55 -12.83 9.83
CA ARG B 417 -17.37 -12.27 8.49
C ARG B 417 -18.25 -12.99 7.48
N GLN B 418 -19.06 -12.26 6.71
CA GLN B 418 -19.83 -12.88 5.60
C GLN B 418 -19.01 -12.79 4.33
N GLN B 419 -18.97 -13.90 3.59
CA GLN B 419 -18.33 -13.93 2.31
C GLN B 419 -19.25 -14.70 1.36
N GLY B 420 -20.22 -13.98 0.79
CA GLY B 420 -21.30 -14.61 -0.01
C GLY B 420 -22.10 -15.61 0.79
N ARG B 421 -22.08 -16.87 0.33
CA ARG B 421 -22.72 -18.00 1.02
C ARG B 421 -22.01 -18.37 2.34
N ALA B 422 -20.75 -17.97 2.48
CA ALA B 422 -19.88 -18.45 3.55
C ALA B 422 -19.92 -17.52 4.77
N VAL B 423 -20.00 -18.08 5.96
CA VAL B 423 -19.87 -17.29 7.18
C VAL B 423 -18.57 -17.75 7.83
N MET B 424 -17.67 -16.81 8.09
CA MET B 424 -16.30 -17.15 8.49
C MET B 424 -15.97 -16.64 9.90
N ALA B 425 -15.34 -17.52 10.67
CA ALA B 425 -14.82 -17.23 11.99
C ALA B 425 -13.30 -17.20 11.88
N ILE B 426 -12.73 -16.02 12.17
CA ILE B 426 -11.32 -15.72 12.02
C ILE B 426 -10.87 -14.95 13.27
N PRO B 427 -10.78 -15.63 14.41
CA PRO B 427 -10.48 -14.88 15.64
C PRO B 427 -8.98 -14.59 15.81
N PRO B 428 -8.62 -13.68 16.74
CA PRO B 428 -7.21 -13.52 17.09
C PRO B 428 -6.60 -14.86 17.54
N LEU B 429 -5.31 -15.06 17.29
CA LEU B 429 -4.66 -16.32 17.62
C LEU B 429 -4.48 -16.51 19.13
N VAL B 430 -4.66 -15.43 19.88
CA VAL B 430 -4.66 -15.47 21.37
C VAL B 430 -5.96 -15.93 22.01
N ILE B 431 -6.96 -16.27 21.22
CA ILE B 431 -8.24 -16.81 21.72
C ILE B 431 -8.02 -18.00 22.64
N ASP B 432 -8.83 -18.09 23.70
CA ASP B 432 -8.77 -19.23 24.62
C ASP B 432 -9.98 -20.17 24.48
N ALA B 433 -9.96 -21.29 25.20
CA ALA B 433 -10.99 -22.29 25.08
C ALA B 433 -12.39 -21.76 25.45
N ALA B 434 -12.48 -20.92 26.48
CA ALA B 434 -13.78 -20.33 26.84
C ALA B 434 -14.36 -19.49 25.72
N GLU B 435 -13.49 -18.71 25.07
CA GLU B 435 -13.93 -17.87 23.95
C GLU B 435 -14.30 -18.71 22.73
N VAL B 436 -13.58 -19.81 22.50
CA VAL B 436 -13.98 -20.73 21.45
C VAL B 436 -15.38 -21.27 21.74
N ALA B 437 -15.66 -21.60 23.00
CA ALA B 437 -16.98 -22.14 23.36
C ALA B 437 -18.10 -21.10 23.18
N GLU B 438 -17.82 -19.85 23.54
CA GLU B 438 -18.72 -18.71 23.29
C GLU B 438 -19.01 -18.55 21.80
N LEU B 439 -17.96 -18.65 21.00
CA LEU B 439 -18.07 -18.58 19.56
C LEU B 439 -18.98 -19.68 19.00
N VAL B 440 -18.73 -20.93 19.41
CA VAL B 440 -19.54 -22.06 18.99
C VAL B 440 -21.01 -21.88 19.42
N ARG B 441 -21.23 -21.46 20.64
CA ARG B 441 -22.62 -21.28 21.13
C ARG B 441 -23.37 -20.22 20.32
N ALA B 442 -22.71 -19.10 20.02
CA ALA B 442 -23.32 -18.06 19.20
C ALA B 442 -23.73 -18.56 17.81
N VAL B 443 -22.85 -19.32 17.19
CA VAL B 443 -23.13 -19.85 15.86
C VAL B 443 -24.25 -20.90 15.93
N GLU B 444 -24.25 -21.74 16.97
CA GLU B 444 -25.35 -22.70 17.17
C GLU B 444 -26.72 -22.01 17.28
N GLN B 445 -26.78 -20.94 18.06
CA GLN B 445 -28.02 -20.17 18.24
C GLN B 445 -28.45 -19.53 16.93
N ALA B 446 -27.48 -19.01 16.18
CA ALA B 446 -27.75 -18.41 14.88
C ALA B 446 -28.35 -19.41 13.89
N VAL B 447 -27.78 -20.61 13.83
CA VAL B 447 -28.23 -21.64 12.89
C VAL B 447 -29.61 -22.15 13.30
N ALA B 448 -29.87 -22.21 14.60
CA ALA B 448 -31.20 -22.57 15.12
C ALA B 448 -32.33 -21.64 14.66
N ARG B 449 -32.02 -20.37 14.41
CA ARG B 449 -33.00 -19.39 13.90
C ARG B 449 -33.09 -19.25 12.38
N LEU B 450 -32.35 -20.05 11.61
CA LEU B 450 -32.43 -20.00 10.15
C LEU B 450 -33.71 -20.67 9.64
N1 PMP C . 2.78 10.21 -6.70
C2 PMP C . 3.80 11.09 -6.57
C2A PMP C . 3.66 12.50 -7.07
C3 PMP C . 5.03 10.66 -5.87
O3 PMP C . 6.08 11.52 -5.74
C4 PMP C . 5.08 9.25 -5.37
C4A PMP C . 6.28 8.65 -4.70
N4A PMP C . 7.51 9.39 -4.91
C5 PMP C . 3.90 8.38 -5.61
C6 PMP C . 2.79 8.92 -6.28
C5A PMP C . 3.88 6.92 -5.14
O4P PMP C . 3.73 6.84 -3.72
P PMP C . 4.24 5.51 -2.93
O1P PMP C . 3.71 5.90 -1.56
O2P PMP C . 3.55 4.31 -3.57
O3P PMP C . 5.71 5.50 -3.09
C1 GOL D . 11.58 5.91 -7.25
O1 GOL D . 11.09 6.85 -6.29
C2 GOL D . 11.83 6.59 -8.60
O2 GOL D . 13.19 7.03 -8.65
C3 GOL D . 11.58 5.60 -9.74
O3 GOL D . 11.53 6.26 -11.01
K K E . -14.32 20.64 0.40
N1 PMP F . -3.98 -11.92 -0.86
C2 PMP F . -4.87 -12.58 -0.08
C2A PMP F . -4.86 -14.09 0.06
C3 PMP F . -5.86 -11.81 0.70
O3 PMP F . -6.78 -12.46 1.44
C4 PMP F . -5.84 -10.33 0.58
C4A PMP F . -6.83 -9.40 1.25
N4A PMP F . -8.01 -10.07 1.77
C5 PMP F . -4.81 -9.72 -0.31
C6 PMP F . -3.92 -10.57 -0.98
C5A PMP F . -4.75 -8.21 -0.48
O4P PMP F . -4.17 -7.50 0.62
P PMP F . -4.52 -5.96 0.91
O1P PMP F . -5.99 -5.94 1.25
O2P PMP F . -4.10 -5.12 -0.29
O3P PMP F . -3.62 -5.75 2.12
C1 GOL G . -13.48 -8.82 -2.70
O1 GOL G . -14.73 -9.42 -3.02
C2 GOL G . -13.47 -8.28 -1.27
O2 GOL G . -14.24 -9.10 -0.37
C3 GOL G . -12.03 -8.17 -0.79
O3 GOL G . -11.99 -8.06 0.64
K K H . 15.00 -19.71 4.74
K K I . -27.10 -29.74 5.47
#